data_5B7S
#
_entry.id   5B7S
#
_cell.length_a   67.006
_cell.length_b   92.527
_cell.length_c   145.444
_cell.angle_alpha   90.000
_cell.angle_beta   90.000
_cell.angle_gamma   90.000
#
_symmetry.space_group_name_H-M   'P 21 21 21'
#
loop_
_entity.id
_entity.type
_entity.pdbx_description
1 polymer 'Cysteine desulfurase'
2 non-polymer GLYCEROL
3 water water
#
_entity_poly.entity_id   1
_entity_poly.type   'polypeptide(L)'
_entity_poly.pdbx_seq_one_letter_code
;MHHHHHHSSENLYFQGHMASMRIPEDVRKDIPLTNEVIYFDNTATSLTPKPVVEAMDEYYLKYRANVHRGVHRLSQMATH
KYEESRKIVADFIGAKFEEIVFTKNTSESLNLVALGLGHIFKRGDKIVTTPYEHHSDLLPWQRLATKLGLKLEFIEGDDE
GNLDLSDAEKKIKGAKLVAVQHVSNALGVIHEVEELGKIAKDEGAIFVVDAAQSAGHMEVNVKKLHADFLAFSGH(LLP)
GPMGPTGIGVLYIREEFFDTFEPPLIGGGTIEDVSLDGYKLTEPPERFEAGTPNIGGAIGLAAGIRYIERIGLGRIERQE
HKLVKRTTEGLDELEVPWYGPRNLKKHAGVVSFNVPGLHPHDVAAILDDHSIMVRSGHHCALPVMKKLGINGTVRASFHV
YNSLEEVETFLGVMEELVKGLKT
;
_entity_poly.pdbx_strand_id   A,B
#
loop_
_chem_comp.id
_chem_comp.type
_chem_comp.name
_chem_comp.formula
GOL non-polymer GLYCEROL 'C3 H8 O3'
#
# COMPACT_ATOMS: atom_id res chain seq x y z
N ALA A 19 -10.59 -27.08 10.89
CA ALA A 19 -11.85 -27.09 11.72
C ALA A 19 -12.54 -25.72 11.78
N SER A 20 -13.79 -25.58 11.34
CA SER A 20 -14.68 -26.62 10.78
C SER A 20 -15.76 -25.80 10.06
N MET A 21 -16.61 -26.29 9.12
CA MET A 21 -17.28 -27.59 9.07
C MET A 21 -18.14 -27.67 7.76
N ARG A 22 -17.55 -28.12 6.65
CA ARG A 22 -18.07 -27.79 5.29
C ARG A 22 -17.59 -28.70 4.17
N ILE A 23 -18.30 -28.68 3.04
CA ILE A 23 -17.90 -29.37 1.80
C ILE A 23 -17.02 -28.52 0.84
N PRO A 24 -15.81 -28.99 0.45
CA PRO A 24 -15.04 -28.54 -0.70
C PRO A 24 -15.31 -29.37 -1.93
N GLU A 25 -15.65 -28.76 -3.05
CA GLU A 25 -15.35 -27.34 -3.35
C GLU A 25 -16.30 -26.14 -2.96
N ASP A 26 -17.31 -26.27 -2.09
CA ASP A 26 -18.36 -25.15 -1.87
C ASP A 26 -18.49 -24.44 -0.44
N VAL A 27 -17.91 -23.25 -0.12
CA VAL A 27 -16.84 -22.39 -0.80
C VAL A 27 -17.02 -21.74 -2.19
N ARG A 28 -17.16 -22.50 -3.26
CA ARG A 28 -17.69 -21.94 -4.52
C ARG A 28 -18.98 -21.08 -4.32
N LYS A 29 -19.78 -21.48 -3.38
CA LYS A 29 -21.05 -20.84 -3.02
C LYS A 29 -20.90 -19.32 -2.67
N ASP A 30 -19.73 -18.96 -2.15
CA ASP A 30 -19.37 -17.59 -1.83
C ASP A 30 -18.65 -16.81 -2.91
N ILE A 31 -18.39 -17.42 -4.07
CA ILE A 31 -17.60 -16.77 -5.10
C ILE A 31 -18.37 -16.79 -6.43
N PRO A 32 -19.15 -15.74 -6.71
CA PRO A 32 -19.94 -15.68 -7.91
C PRO A 32 -19.15 -15.96 -9.20
N LEU A 33 -17.94 -15.41 -9.38
CA LEU A 33 -17.16 -15.67 -10.64
C LEU A 33 -16.90 -17.15 -10.98
N THR A 34 -16.97 -17.99 -9.95
CA THR A 34 -16.77 -19.43 -10.07
C THR A 34 -17.85 -20.04 -10.98
N ASN A 35 -18.99 -19.34 -11.11
CA ASN A 35 -20.07 -19.69 -12.04
C ASN A 35 -19.98 -19.23 -13.47
N GLU A 36 -19.02 -18.39 -13.76
CA GLU A 36 -18.87 -17.78 -15.05
C GLU A 36 -17.64 -18.38 -15.71
N VAL A 37 -16.57 -18.59 -14.94
CA VAL A 37 -15.31 -19.08 -15.50
C VAL A 37 -14.66 -20.15 -14.64
N ILE A 38 -13.66 -20.79 -15.21
CA ILE A 38 -12.78 -21.68 -14.50
C ILE A 38 -11.49 -20.90 -14.37
N TYR A 39 -11.25 -20.46 -13.14
CA TYR A 39 -10.15 -19.60 -12.80
C TYR A 39 -9.00 -20.48 -12.32
N PHE A 40 -8.05 -20.71 -13.25
CA PHE A 40 -6.83 -21.43 -12.97
C PHE A 40 -5.58 -20.48 -13.00
N ASP A 41 -5.76 -19.25 -12.49
CA ASP A 41 -4.70 -18.24 -12.44
C ASP A 41 -4.49 -17.71 -11.01
N ASN A 42 -4.53 -18.63 -10.05
CA ASN A 42 -4.46 -18.33 -8.60
C ASN A 42 -3.12 -17.87 -8.05
N THR A 43 -2.02 -18.29 -8.67
CA THR A 43 -0.73 -17.74 -8.23
C THR A 43 -0.60 -16.27 -8.60
N ALA A 44 -1.30 -15.80 -9.64
CA ALA A 44 -1.35 -14.36 -9.94
C ALA A 44 -2.12 -13.65 -8.84
N THR A 45 -3.35 -14.09 -8.65
CA THR A 45 -4.18 -13.54 -7.62
C THR A 45 -5.34 -14.47 -7.37
N SER A 46 -5.89 -14.43 -6.17
CA SER A 46 -7.00 -15.31 -5.84
C SER A 46 -8.30 -14.62 -6.16
N LEU A 47 -9.32 -15.44 -6.35
CA LEU A 47 -10.70 -14.97 -6.34
C LEU A 47 -11.10 -14.68 -4.88
N THR A 48 -12.03 -13.76 -4.67
CA THR A 48 -12.33 -13.29 -3.32
C THR A 48 -13.78 -13.59 -2.87
N PRO A 49 -13.96 -14.36 -1.74
CA PRO A 49 -15.29 -14.67 -1.22
C PRO A 49 -16.09 -13.43 -0.82
N LYS A 50 -17.39 -13.49 -1.03
CA LYS A 50 -18.32 -12.43 -0.64
C LYS A 50 -18.04 -11.88 0.77
N PRO A 51 -17.89 -12.78 1.80
CA PRO A 51 -17.62 -12.38 3.22
C PRO A 51 -16.41 -11.49 3.50
N VAL A 52 -15.35 -11.64 2.71
CA VAL A 52 -14.23 -10.73 2.78
C VAL A 52 -14.62 -9.32 2.29
N VAL A 53 -15.28 -9.27 1.15
CA VAL A 53 -15.74 -7.98 0.60
C VAL A 53 -16.74 -7.34 1.53
N GLU A 54 -17.62 -8.17 2.11
CA GLU A 54 -18.57 -7.69 3.14
C GLU A 54 -17.88 -7.06 4.38
N ALA A 55 -16.78 -7.68 4.84
CA ALA A 55 -15.99 -7.11 5.95
C ALA A 55 -15.43 -5.73 5.62
N MET A 56 -14.94 -5.53 4.40
CA MET A 56 -14.40 -4.23 3.98
C MET A 56 -15.50 -3.22 3.86
N ASP A 57 -16.59 -3.64 3.26
CA ASP A 57 -17.75 -2.76 3.11
C ASP A 57 -18.27 -2.23 4.43
N GLU A 58 -18.25 -3.03 5.50
CA GLU A 58 -18.72 -2.46 6.76
C GLU A 58 -17.73 -1.45 7.34
N TYR A 59 -16.43 -1.66 7.12
CA TYR A 59 -15.50 -0.57 7.48
C TYR A 59 -15.86 0.69 6.71
N TYR A 60 -15.93 0.63 5.38
CA TYR A 60 -16.15 1.85 4.55
C TYR A 60 -17.50 2.52 4.76
N LEU A 61 -18.52 1.73 5.07
CA LEU A 61 -19.89 2.28 5.22
C LEU A 61 -20.41 2.40 6.64
N LYS A 62 -19.87 1.66 7.59
CA LYS A 62 -20.40 1.64 8.97
C LYS A 62 -19.44 2.08 10.08
N TYR A 63 -18.12 2.08 9.84
CA TYR A 63 -17.21 2.63 10.83
C TYR A 63 -15.95 3.26 10.23
N ARG A 64 -16.15 3.95 9.13
CA ARG A 64 -15.05 4.60 8.39
C ARG A 64 -14.35 5.69 9.25
N ALA A 65 -13.02 5.60 9.36
CA ALA A 65 -12.19 6.51 10.18
C ALA A 65 -10.72 6.07 10.12
N ASN A 66 -9.76 6.94 10.48
CA ASN A 66 -8.44 6.44 11.06
C ASN A 66 -8.81 6.00 12.48
N VAL A 67 -8.06 5.39 13.40
CA VAL A 67 -6.69 4.85 13.51
C VAL A 67 -5.87 5.83 14.31
N HIS A 68 -4.94 5.32 15.09
CA HIS A 68 -4.16 6.12 16.05
C HIS A 68 -5.03 6.53 17.26
N ARG A 69 -5.70 5.53 17.83
CA ARG A 69 -6.50 5.60 19.06
C ARG A 69 -7.27 6.90 19.33
N GLY A 70 -7.78 7.53 18.26
CA GLY A 70 -8.49 8.83 18.33
C GLY A 70 -9.77 8.65 19.13
N VAL A 71 -10.17 9.70 19.84
CA VAL A 71 -11.18 9.58 20.90
C VAL A 71 -12.57 9.27 20.43
N HIS A 72 -12.93 9.67 19.21
CA HIS A 72 -14.30 9.46 18.76
C HIS A 72 -14.59 7.97 18.47
N ARG A 73 -15.87 7.59 18.51
CA ARG A 73 -16.21 6.16 18.52
C ARG A 73 -15.94 5.40 17.22
N LEU A 74 -15.89 6.11 16.11
CA LEU A 74 -15.52 5.56 14.81
C LEU A 74 -14.02 5.21 14.75
N SER A 75 -13.18 6.11 15.19
CA SER A 75 -11.75 5.87 15.29
C SER A 75 -11.48 4.79 16.34
N GLN A 76 -12.26 4.76 17.42
CA GLN A 76 -12.21 3.68 18.40
C GLN A 76 -12.47 2.37 17.71
N MET A 77 -13.61 2.31 17.03
CA MET A 77 -13.97 1.06 16.33
C MET A 77 -12.94 0.66 15.26
N ALA A 78 -12.56 1.60 14.41
CA ALA A 78 -11.64 1.33 13.34
C ALA A 78 -10.31 0.85 13.89
N THR A 79 -9.86 1.50 14.96
CA THR A 79 -8.56 1.16 15.55
C THR A 79 -8.62 -0.23 16.12
N HIS A 80 -9.68 -0.49 16.90
CA HIS A 80 -9.91 -1.81 17.49
C HIS A 80 -9.87 -2.90 16.45
N LYS A 81 -10.54 -2.64 15.36
CA LYS A 81 -10.65 -3.59 14.28
C LYS A 81 -9.30 -3.74 13.56
N TYR A 82 -8.54 -2.65 13.45
CA TYR A 82 -7.22 -2.71 12.85
C TYR A 82 -6.23 -3.49 13.75
N GLU A 83 -6.33 -3.29 15.06
CA GLU A 83 -5.53 -4.05 16.03
C GLU A 83 -5.89 -5.54 15.95
N GLU A 84 -7.19 -5.84 15.98
CA GLU A 84 -7.71 -7.20 15.76
C GLU A 84 -7.09 -7.81 14.51
N SER A 85 -7.15 -7.06 13.41
CA SER A 85 -6.58 -7.52 12.14
C SER A 85 -5.16 -7.95 12.26
N ARG A 86 -4.33 -7.13 12.89
CA ARG A 86 -2.92 -7.49 13.12
C ARG A 86 -2.73 -8.75 13.97
N LYS A 87 -3.62 -8.94 14.95
CA LYS A 87 -3.50 -10.04 15.90
C LYS A 87 -3.83 -11.34 15.21
N ILE A 88 -4.83 -11.28 14.32
CA ILE A 88 -5.21 -12.42 13.52
C ILE A 88 -4.11 -12.83 12.57
N VAL A 89 -3.45 -11.85 11.92
CA VAL A 89 -2.35 -12.17 11.01
C VAL A 89 -1.24 -12.79 11.85
N ALA A 90 -0.89 -12.15 12.96
CA ALA A 90 0.15 -12.68 13.85
C ALA A 90 -0.07 -14.15 14.17
N ASP A 91 -1.23 -14.49 14.72
CA ASP A 91 -1.56 -15.89 15.02
C ASP A 91 -1.55 -16.87 13.85
N PHE A 92 -2.03 -16.43 12.71
CA PHE A 92 -1.94 -17.20 11.47
C PHE A 92 -0.53 -17.76 11.21
N ILE A 93 0.50 -16.95 11.40
CA ILE A 93 1.89 -17.37 11.18
C ILE A 93 2.68 -17.61 12.49
N GLY A 94 1.99 -17.79 13.61
CA GLY A 94 2.62 -18.05 14.92
C GLY A 94 3.57 -16.99 15.44
N ALA A 95 3.31 -15.73 15.10
CA ALA A 95 4.19 -14.60 15.49
C ALA A 95 3.49 -13.81 16.56
N LYS A 96 4.21 -12.86 17.15
CA LYS A 96 3.66 -11.93 18.12
C LYS A 96 3.11 -10.68 17.43
N PHE A 97 2.06 -10.11 18.03
CA PHE A 97 1.42 -8.88 17.59
C PHE A 97 2.40 -7.90 16.92
N GLU A 98 3.52 -7.60 17.59
CA GLU A 98 4.37 -6.45 17.24
C GLU A 98 5.43 -6.77 16.19
N GLU A 99 5.47 -8.01 15.76
CA GLU A 99 6.39 -8.45 14.74
C GLU A 99 5.78 -8.29 13.35
N ILE A 100 4.49 -7.95 13.27
CA ILE A 100 3.79 -7.81 12.01
C ILE A 100 3.70 -6.35 11.60
N VAL A 101 4.21 -6.05 10.42
CA VAL A 101 4.09 -4.77 9.75
C VAL A 101 3.29 -4.97 8.48
N PHE A 102 2.43 -4.01 8.14
CA PHE A 102 1.64 -4.07 6.91
C PHE A 102 2.29 -3.28 5.81
N THR A 103 2.18 -3.79 4.59
CA THR A 103 2.76 -3.18 3.40
C THR A 103 1.72 -3.26 2.28
N LYS A 104 2.04 -2.80 1.07
CA LYS A 104 1.11 -2.89 -0.08
C LYS A 104 1.14 -4.29 -0.72
N ASN A 105 2.31 -4.94 -0.69
CA ASN A 105 2.45 -6.30 -1.20
C ASN A 105 3.75 -6.95 -0.80
N THR A 106 3.89 -8.21 -1.17
CA THR A 106 5.11 -8.99 -0.88
C THR A 106 6.39 -8.25 -1.29
N SER A 107 6.39 -7.71 -2.51
CA SER A 107 7.56 -7.06 -3.07
C SER A 107 7.97 -5.81 -2.24
N GLU A 108 7.02 -5.03 -1.73
CA GLU A 108 7.37 -3.96 -0.76
C GLU A 108 8.05 -4.60 0.43
N SER A 109 7.44 -5.63 1.02
CA SER A 109 8.01 -6.32 2.20
C SER A 109 9.49 -6.70 1.94
N LEU A 110 9.77 -7.35 0.82
CA LEU A 110 11.15 -7.83 0.55
C LEU A 110 12.15 -6.69 0.33
N ASN A 111 11.75 -5.71 -0.49
CA ASN A 111 12.50 -4.44 -0.64
C ASN A 111 12.80 -3.72 0.69
N LEU A 112 11.81 -3.74 1.59
CA LEU A 112 11.95 -3.15 2.94
C LEU A 112 12.98 -3.88 3.78
N VAL A 113 13.10 -5.20 3.59
CA VAL A 113 14.17 -5.98 4.23
C VAL A 113 15.54 -5.58 3.66
N ALA A 114 15.64 -5.40 2.34
CA ALA A 114 16.89 -4.99 1.70
C ALA A 114 17.39 -3.66 2.24
N LEU A 115 16.51 -2.66 2.23
CA LEU A 115 16.87 -1.33 2.70
C LEU A 115 16.97 -1.29 4.22
N GLY A 116 16.21 -2.11 4.92
CA GLY A 116 16.12 -2.00 6.38
C GLY A 116 17.33 -2.48 7.16
N LEU A 117 18.19 -3.24 6.50
CA LEU A 117 19.47 -3.57 7.11
C LEU A 117 20.63 -3.66 6.10
N GLY A 118 20.59 -2.80 5.06
CA GLY A 118 21.79 -2.52 4.24
C GLY A 118 22.98 -1.95 5.02
N HIS A 119 22.68 -1.26 6.12
CA HIS A 119 23.71 -0.74 7.02
C HIS A 119 24.56 -1.79 7.77
N ILE A 120 24.13 -3.06 7.84
CA ILE A 120 24.90 -4.14 8.53
C ILE A 120 25.92 -4.87 7.65
N PHE A 121 25.81 -4.74 6.33
CA PHE A 121 26.73 -5.43 5.43
C PHE A 121 28.05 -4.67 5.29
N LYS A 122 29.09 -5.43 4.93
CA LYS A 122 30.41 -4.89 4.55
C LYS A 122 30.89 -5.66 3.33
N ARG A 123 31.66 -4.98 2.48
CA ARG A 123 32.10 -5.50 1.18
C ARG A 123 32.73 -6.90 1.32
N GLY A 124 32.26 -7.85 0.52
CA GLY A 124 32.70 -9.23 0.62
C GLY A 124 31.87 -10.11 1.55
N ASP A 125 30.86 -9.55 2.24
CA ASP A 125 29.83 -10.37 2.92
C ASP A 125 28.98 -11.06 1.85
N LYS A 126 28.51 -12.28 2.14
CA LYS A 126 27.76 -13.08 1.13
C LYS A 126 26.28 -13.27 1.46
N ILE A 127 25.41 -13.06 0.44
CA ILE A 127 23.98 -13.43 0.47
C ILE A 127 23.74 -14.67 -0.39
N VAL A 128 22.88 -15.59 0.08
CA VAL A 128 22.49 -16.77 -0.71
C VAL A 128 20.96 -16.88 -0.96
N THR A 129 20.60 -17.12 -2.24
CA THR A 129 19.19 -17.28 -2.70
C THR A 129 19.00 -18.68 -3.32
N THR A 130 17.81 -18.92 -3.90
CA THR A 130 17.58 -20.03 -4.81
C THR A 130 17.72 -19.45 -6.21
N PRO A 131 17.99 -20.31 -7.21
CA PRO A 131 18.24 -19.81 -8.56
C PRO A 131 16.97 -19.46 -9.32
N TYR A 132 15.80 -19.68 -8.74
CA TYR A 132 14.60 -19.75 -9.55
C TYR A 132 13.97 -18.46 -10.06
N GLU A 133 13.00 -17.83 -9.41
CA GLU A 133 13.03 -17.28 -8.06
C GLU A 133 12.46 -15.92 -8.47
N HIS A 134 11.40 -15.47 -7.78
CA HIS A 134 10.62 -14.29 -8.21
C HIS A 134 11.49 -13.02 -8.21
N HIS A 135 11.29 -12.15 -9.23
CA HIS A 135 12.12 -10.92 -9.37
C HIS A 135 12.10 -10.06 -8.11
N SER A 136 10.92 -9.89 -7.53
CA SER A 136 10.72 -9.34 -6.17
C SER A 136 11.54 -9.97 -5.01
N ASP A 137 11.90 -11.26 -5.08
CA ASP A 137 12.89 -11.90 -4.16
C ASP A 137 14.28 -12.13 -4.82
N LEU A 138 14.65 -11.22 -5.75
CA LEU A 138 15.91 -11.27 -6.52
C LEU A 138 16.58 -9.87 -6.67
N LEU A 139 15.94 -8.97 -7.42
CA LEU A 139 16.45 -7.63 -7.75
C LEU A 139 16.86 -6.76 -6.54
N PRO A 140 16.03 -6.71 -5.46
CA PRO A 140 16.49 -6.04 -4.24
C PRO A 140 17.75 -6.69 -3.63
N TRP A 141 18.01 -7.98 -3.92
CA TRP A 141 19.29 -8.59 -3.57
C TRP A 141 20.42 -8.33 -4.60
N GLN A 142 20.09 -8.28 -5.91
CA GLN A 142 21.06 -7.97 -6.98
C GLN A 142 21.58 -6.53 -6.92
N ARG A 143 20.68 -5.60 -6.58
CA ARG A 143 21.01 -4.19 -6.44
C ARG A 143 21.84 -3.99 -5.18
N LEU A 144 21.38 -4.56 -4.06
CA LEU A 144 22.07 -4.40 -2.77
C LEU A 144 23.49 -4.99 -2.79
N ALA A 145 23.71 -6.01 -3.64
CA ALA A 145 25.04 -6.62 -3.87
C ALA A 145 25.96 -5.78 -4.75
N THR A 146 25.50 -5.42 -5.95
CA THR A 146 26.20 -4.45 -6.80
C THR A 146 26.56 -3.22 -5.97
N LYS A 147 25.60 -2.70 -5.21
CA LYS A 147 25.76 -1.40 -4.54
C LYS A 147 26.82 -1.45 -3.44
N LEU A 148 26.78 -2.48 -2.62
CA LEU A 148 27.69 -2.59 -1.47
C LEU A 148 28.86 -3.54 -1.74
N GLY A 149 28.99 -4.05 -2.98
CA GLY A 149 30.04 -5.05 -3.33
C GLY A 149 29.98 -6.33 -2.49
N LEU A 150 28.92 -7.10 -2.70
CA LEU A 150 28.62 -8.30 -1.89
C LEU A 150 28.67 -9.54 -2.77
N LYS A 151 28.84 -10.68 -2.13
CA LYS A 151 28.87 -11.94 -2.84
C LYS A 151 27.44 -12.47 -2.89
N LEU A 152 26.93 -12.72 -4.10
CA LEU A 152 25.59 -13.26 -4.32
C LEU A 152 25.68 -14.65 -4.97
N GLU A 153 25.32 -15.66 -4.18
CA GLU A 153 25.57 -17.07 -4.50
C GLU A 153 24.22 -17.83 -4.55
N PHE A 154 24.08 -18.76 -5.50
CA PHE A 154 22.81 -19.48 -5.75
C PHE A 154 22.93 -20.94 -5.37
N ILE A 155 21.98 -21.43 -4.56
CA ILE A 155 21.97 -22.83 -4.19
C ILE A 155 21.63 -23.63 -5.44
N GLU A 156 22.19 -24.82 -5.54
CA GLU A 156 22.07 -25.68 -6.72
C GLU A 156 20.78 -26.47 -6.72
N GLY A 157 20.21 -26.64 -7.90
CA GLY A 157 19.07 -27.51 -8.06
C GLY A 157 18.93 -27.98 -9.49
N ASP A 158 18.19 -29.07 -9.64
CA ASP A 158 17.88 -29.61 -10.97
C ASP A 158 16.73 -28.82 -11.58
N ASP A 159 16.39 -29.13 -12.83
CA ASP A 159 15.35 -28.42 -13.56
C ASP A 159 13.90 -28.72 -13.09
N GLU A 160 13.70 -29.82 -12.37
CA GLU A 160 12.44 -30.03 -11.62
C GLU A 160 12.29 -28.98 -10.50
N GLY A 161 13.41 -28.39 -10.06
CA GLY A 161 13.40 -27.35 -9.03
C GLY A 161 13.74 -27.82 -7.63
N ASN A 162 14.14 -29.09 -7.49
CA ASN A 162 14.50 -29.63 -6.19
C ASN A 162 15.92 -29.16 -5.90
N LEU A 163 16.08 -28.54 -4.73
CA LEU A 163 17.36 -28.04 -4.23
C LEU A 163 18.27 -29.19 -3.81
N ASP A 164 19.57 -29.03 -4.04
CA ASP A 164 20.60 -29.87 -3.42
C ASP A 164 20.83 -29.36 -1.99
N LEU A 165 20.40 -30.13 -0.99
CA LEU A 165 20.63 -29.79 0.43
C LEU A 165 22.09 -29.90 0.87
N SER A 166 22.93 -30.63 0.13
CA SER A 166 24.38 -30.63 0.40
C SER A 166 24.98 -29.29 0.02
N ASP A 167 24.69 -28.83 -1.20
CA ASP A 167 25.13 -27.51 -1.67
C ASP A 167 24.53 -26.34 -0.85
N ALA A 168 23.36 -26.58 -0.27
CA ALA A 168 22.81 -25.68 0.74
C ALA A 168 23.79 -25.54 1.92
N GLU A 169 24.13 -26.65 2.56
CA GLU A 169 24.99 -26.67 3.77
C GLU A 169 26.32 -25.91 3.57
N LYS A 170 26.89 -25.99 2.37
CA LYS A 170 28.17 -25.31 2.12
C LYS A 170 28.02 -23.86 1.69
N LYS A 171 26.86 -23.47 1.19
CA LYS A 171 26.63 -22.05 0.84
C LYS A 171 26.14 -21.17 1.99
N ILE A 172 25.36 -21.74 2.91
CA ILE A 172 24.88 -21.00 4.10
C ILE A 172 26.05 -20.65 5.05
N LYS A 173 26.94 -21.62 5.28
CA LYS A 173 28.27 -21.39 5.89
C LYS A 173 29.14 -20.50 4.99
N GLY A 174 29.57 -19.30 5.38
CA GLY A 174 29.08 -18.51 6.50
C GLY A 174 28.56 -17.18 5.94
N ALA A 175 27.26 -17.12 5.67
CA ALA A 175 26.62 -15.97 5.04
C ALA A 175 25.91 -15.03 6.06
N LYS A 176 25.81 -13.75 5.72
CA LYS A 176 25.03 -12.78 6.54
C LYS A 176 23.53 -13.09 6.45
N LEU A 177 23.00 -13.19 5.24
CA LEU A 177 21.64 -13.70 5.12
C LEU A 177 21.35 -14.65 3.95
N VAL A 178 20.26 -15.38 4.15
CA VAL A 178 19.71 -16.33 3.20
C VAL A 178 18.25 -15.93 2.87
N ALA A 179 17.95 -15.84 1.58
CA ALA A 179 16.61 -15.47 1.08
C ALA A 179 16.03 -16.56 0.15
N VAL A 180 14.97 -17.26 0.59
CA VAL A 180 14.35 -18.30 -0.26
C VAL A 180 12.82 -18.16 -0.38
N GLN A 181 12.30 -18.41 -1.60
CA GLN A 181 10.91 -18.78 -1.83
C GLN A 181 10.56 -19.95 -0.91
N HIS A 182 9.34 -19.94 -0.37
CA HIS A 182 8.76 -21.14 0.19
C HIS A 182 8.25 -22.04 -0.95
N VAL A 183 7.67 -21.40 -1.97
CA VAL A 183 7.29 -22.07 -3.19
C VAL A 183 7.50 -21.19 -4.41
N SER A 184 7.94 -21.84 -5.49
CA SER A 184 8.16 -21.19 -6.77
C SER A 184 6.82 -20.93 -7.43
N ASN A 185 6.67 -19.75 -8.02
CA ASN A 185 5.43 -19.44 -8.73
C ASN A 185 5.41 -19.96 -10.16
N ALA A 186 6.58 -20.37 -10.67
CA ALA A 186 6.70 -20.94 -12.02
C ALA A 186 6.48 -22.44 -11.96
N LEU A 187 7.30 -23.11 -11.14
CA LEU A 187 7.36 -24.57 -11.08
C LEU A 187 6.42 -25.17 -10.07
N GLY A 188 6.22 -24.49 -8.94
CA GLY A 188 5.46 -25.05 -7.83
C GLY A 188 6.22 -25.91 -6.83
N VAL A 189 7.54 -25.86 -6.84
CA VAL A 189 8.34 -26.60 -5.83
C VAL A 189 8.02 -26.11 -4.43
N ILE A 190 7.85 -27.01 -3.46
CA ILE A 190 7.93 -26.61 -2.06
C ILE A 190 9.37 -26.90 -1.61
N HIS A 191 10.14 -25.84 -1.42
CA HIS A 191 11.47 -25.99 -0.87
C HIS A 191 11.39 -26.39 0.58
N GLU A 192 12.48 -26.96 1.04
CA GLU A 192 12.49 -27.70 2.29
C GLU A 192 13.01 -26.72 3.32
N VAL A 193 12.19 -25.72 3.64
CA VAL A 193 12.71 -24.51 4.27
C VAL A 193 12.87 -24.68 5.78
N GLU A 194 12.17 -25.62 6.39
CA GLU A 194 12.47 -25.98 7.79
C GLU A 194 13.92 -26.45 7.89
N GLU A 195 14.40 -27.14 6.86
CA GLU A 195 15.81 -27.58 6.83
C GLU A 195 16.77 -26.41 6.55
N LEU A 196 16.42 -25.54 5.61
CA LEU A 196 17.27 -24.38 5.29
C LEU A 196 17.36 -23.44 6.48
N GLY A 197 16.24 -23.24 7.17
CA GLY A 197 16.21 -22.44 8.37
C GLY A 197 17.12 -22.99 9.45
N LYS A 198 17.04 -24.31 9.67
CA LYS A 198 17.94 -25.00 10.59
C LYS A 198 19.40 -24.66 10.24
N ILE A 199 19.76 -24.78 8.98
CA ILE A 199 21.13 -24.56 8.55
C ILE A 199 21.50 -23.12 8.83
N ALA A 200 20.67 -22.18 8.40
CA ALA A 200 20.95 -20.75 8.61
C ALA A 200 21.14 -20.43 10.09
N LYS A 201 20.23 -20.93 10.91
CA LYS A 201 20.27 -20.80 12.38
C LYS A 201 21.61 -21.30 12.92
N ASP A 202 21.95 -22.56 12.60
CA ASP A 202 23.22 -23.20 12.99
C ASP A 202 24.45 -22.49 12.50
N GLU A 203 24.35 -21.83 11.35
CA GLU A 203 25.47 -21.11 10.80
C GLU A 203 25.46 -19.63 11.12
N GLY A 204 24.40 -19.16 11.76
CA GLY A 204 24.27 -17.76 12.14
C GLY A 204 24.07 -16.77 11.00
N ALA A 205 23.20 -17.12 10.06
CA ALA A 205 22.73 -16.19 9.02
C ALA A 205 21.33 -15.67 9.38
N ILE A 206 21.00 -14.45 8.94
CA ILE A 206 19.60 -13.96 9.06
C ILE A 206 18.79 -14.66 7.94
N PHE A 207 17.68 -15.28 8.30
CA PHE A 207 16.86 -16.06 7.35
C PHE A 207 15.60 -15.24 6.91
N VAL A 208 15.53 -14.89 5.61
CA VAL A 208 14.32 -14.26 5.00
C VAL A 208 13.51 -15.20 4.05
N VAL A 209 12.21 -15.32 4.31
CA VAL A 209 11.35 -16.28 3.61
C VAL A 209 10.33 -15.51 2.79
N ASP A 210 10.31 -15.75 1.47
CA ASP A 210 9.27 -15.21 0.56
C ASP A 210 8.14 -16.20 0.51
N ALA A 211 7.04 -15.89 1.20
CA ALA A 211 5.91 -16.82 1.31
C ALA A 211 4.73 -16.34 0.50
N ALA A 212 5.02 -15.69 -0.62
CA ALA A 212 3.95 -15.17 -1.44
C ALA A 212 3.04 -16.27 -2.08
N GLN A 213 3.58 -17.49 -2.25
CA GLN A 213 2.83 -18.66 -2.76
C GLN A 213 2.42 -19.71 -1.78
N SER A 214 2.99 -19.70 -0.59
CA SER A 214 2.60 -20.67 0.37
C SER A 214 1.46 -20.10 1.21
N ALA A 215 1.45 -18.78 1.43
CA ALA A 215 0.74 -18.22 2.59
C ALA A 215 -0.72 -18.66 2.82
N GLY A 216 -1.54 -18.82 1.82
CA GLY A 216 -2.90 -19.38 2.15
C GLY A 216 -3.24 -20.77 1.59
N HIS A 217 -2.22 -21.51 1.18
CA HIS A 217 -2.37 -22.81 0.59
C HIS A 217 -1.80 -23.92 1.49
N MET A 218 -0.84 -23.60 2.34
CA MET A 218 -0.24 -24.56 3.26
C MET A 218 0.15 -23.87 4.57
N GLU A 219 0.48 -24.65 5.61
CA GLU A 219 0.94 -24.10 6.88
C GLU A 219 2.22 -23.27 6.73
N VAL A 220 2.16 -22.00 7.16
CA VAL A 220 3.35 -21.16 7.33
C VAL A 220 3.47 -20.59 8.75
N ASN A 221 4.56 -20.96 9.42
CA ASN A 221 4.70 -20.83 10.86
C ASN A 221 6.16 -20.45 11.13
N VAL A 222 6.34 -19.17 11.45
CA VAL A 222 7.67 -18.53 11.61
C VAL A 222 8.65 -19.30 12.46
N LYS A 223 8.15 -19.96 13.50
CA LYS A 223 8.96 -20.78 14.41
C LYS A 223 9.39 -22.06 13.72
N LYS A 224 8.43 -22.89 13.29
CA LYS A 224 8.78 -24.04 12.47
C LYS A 224 9.79 -23.68 11.35
N LEU A 225 9.60 -22.54 10.70
CA LEU A 225 10.42 -22.15 9.55
C LEU A 225 11.81 -21.58 9.92
N HIS A 226 12.03 -21.31 11.21
CA HIS A 226 13.23 -20.57 11.69
C HIS A 226 13.37 -19.26 10.93
N ALA A 227 12.26 -18.54 10.81
CA ALA A 227 12.23 -17.28 10.08
C ALA A 227 12.61 -16.07 10.95
N ASP A 228 13.46 -15.20 10.42
CA ASP A 228 13.82 -13.90 11.00
C ASP A 228 13.07 -12.76 10.34
N PHE A 229 12.96 -12.82 9.02
CA PHE A 229 12.01 -11.99 8.28
C PHE A 229 11.14 -12.85 7.38
N LEU A 230 9.87 -12.49 7.23
CA LEU A 230 8.95 -13.21 6.37
C LEU A 230 7.98 -12.27 5.65
N ALA A 231 7.79 -12.47 4.35
CA ALA A 231 6.91 -11.65 3.54
C ALA A 231 5.79 -12.53 2.96
N PHE A 232 4.54 -12.02 2.94
CA PHE A 232 3.52 -12.57 2.04
C PHE A 232 2.50 -11.51 1.59
N SER A 233 1.66 -11.89 0.62
CA SER A 233 0.65 -11.02 0.04
C SER A 233 -0.76 -11.53 0.35
N GLY A 234 -1.64 -10.61 0.73
CA GLY A 234 -3.04 -10.95 1.02
C GLY A 234 -3.92 -11.32 -0.16
N HIS A 235 -3.56 -10.83 -1.36
CA HIS A 235 -4.37 -11.06 -2.57
C HIS A 235 -4.18 -12.45 -3.20
N1 LLP A 236 7.28 -13.90 -4.74
C2 LLP A 236 6.60 -14.90 -5.33
C2' LLP A 236 7.21 -16.28 -5.24
C3 LLP A 236 5.30 -14.60 -6.06
O3 LLP A 236 4.52 -15.51 -6.73
C4 LLP A 236 4.79 -13.21 -6.08
C4' LLP A 236 3.49 -12.89 -6.84
C5 LLP A 236 5.66 -12.23 -5.38
C6 LLP A 236 6.86 -12.63 -4.75
C5' LLP A 236 5.25 -10.78 -5.34
OP4 LLP A 236 3.93 -10.68 -4.78
P LLP A 236 3.15 -9.31 -4.99
OP1 LLP A 236 4.19 -8.32 -4.43
OP2 LLP A 236 2.88 -9.25 -6.49
OP3 LLP A 236 1.92 -9.55 -4.17
N LLP A 236 -3.18 -13.18 -2.77
CA LLP A 236 -2.89 -14.54 -3.25
CB LLP A 236 -1.37 -14.71 -3.30
CG LLP A 236 -0.74 -13.71 -4.27
CD LLP A 236 0.70 -14.09 -4.66
CE LLP A 236 1.20 -13.19 -5.79
NZ LLP A 236 2.35 -13.74 -6.49
C LLP A 236 -3.66 -15.50 -2.36
O LLP A 236 -4.85 -15.30 -2.12
N GLY A 237 -3.00 -16.53 -1.88
CA GLY A 237 -3.63 -17.59 -1.10
C GLY A 237 -4.56 -17.18 0.05
N PRO A 238 -4.25 -16.11 0.79
CA PRO A 238 -5.14 -15.78 1.91
C PRO A 238 -6.55 -15.23 1.52
N MET A 239 -6.82 -15.14 0.21
CA MET A 239 -8.14 -14.79 -0.28
C MET A 239 -8.56 -13.41 0.20
N GLY A 240 -7.58 -12.52 0.30
CA GLY A 240 -7.80 -11.13 0.72
C GLY A 240 -7.85 -10.15 -0.44
N PRO A 241 -7.97 -8.86 -0.14
CA PRO A 241 -7.95 -7.83 -1.18
C PRO A 241 -6.53 -7.51 -1.66
N THR A 242 -6.47 -6.70 -2.70
CA THR A 242 -5.23 -6.15 -3.23
C THR A 242 -4.74 -5.00 -2.34
N GLY A 243 -3.49 -4.62 -2.51
CA GLY A 243 -2.94 -3.54 -1.74
C GLY A 243 -2.64 -3.85 -0.29
N ILE A 244 -2.58 -5.12 0.06
CA ILE A 244 -2.22 -5.44 1.42
C ILE A 244 -1.19 -6.57 1.43
N GLY A 245 -0.09 -6.32 2.12
CA GLY A 245 1.01 -7.23 2.26
C GLY A 245 1.48 -7.25 3.69
N VAL A 246 2.28 -8.24 4.01
CA VAL A 246 2.76 -8.42 5.37
C VAL A 246 4.27 -8.58 5.34
N LEU A 247 4.93 -7.95 6.31
CA LEU A 247 6.34 -8.18 6.60
C LEU A 247 6.42 -8.56 8.07
N TYR A 248 6.89 -9.77 8.30
CA TYR A 248 7.21 -10.27 9.64
C TYR A 248 8.64 -9.91 9.94
N ILE A 249 8.85 -9.30 11.10
CA ILE A 249 10.18 -8.95 11.62
C ILE A 249 10.24 -9.58 13.00
N ARG A 250 11.14 -10.56 13.17
CA ARG A 250 11.28 -11.24 14.46
C ARG A 250 11.84 -10.27 15.48
N GLU A 251 11.32 -10.40 16.71
CA GLU A 251 11.65 -9.57 17.89
C GLU A 251 13.11 -9.18 18.05
N GLU A 252 13.98 -10.15 17.72
CA GLU A 252 15.42 -10.02 17.87
C GLU A 252 16.07 -8.95 16.97
N PHE A 253 15.35 -8.47 15.96
CA PHE A 253 15.91 -7.53 14.98
C PHE A 253 15.37 -6.08 15.09
N PHE A 254 14.60 -5.82 16.17
CA PHE A 254 14.00 -4.51 16.44
C PHE A 254 15.00 -3.38 16.70
N ASP A 255 16.14 -3.69 17.31
CA ASP A 255 17.18 -2.67 17.56
C ASP A 255 18.22 -2.64 16.43
N THR A 256 18.19 -3.63 15.53
CA THR A 256 19.05 -3.66 14.34
C THR A 256 18.35 -3.01 13.11
N PHE A 257 17.09 -3.38 12.87
CA PHE A 257 16.38 -3.02 11.63
C PHE A 257 15.97 -1.56 11.66
N GLU A 258 16.38 -0.81 10.65
CA GLU A 258 16.03 0.60 10.55
C GLU A 258 14.86 0.73 9.55
N PRO A 259 13.81 1.50 9.91
CA PRO A 259 12.64 1.63 9.05
C PRO A 259 12.94 2.46 7.81
N PRO A 260 12.78 1.90 6.62
CA PRO A 260 13.07 2.72 5.43
C PRO A 260 12.02 3.76 5.13
N LEU A 261 10.81 3.57 5.66
CA LEU A 261 9.72 4.54 5.55
C LEU A 261 9.37 5.05 6.97
N ILE A 262 9.31 6.36 7.13
CA ILE A 262 9.04 7.01 8.44
C ILE A 262 8.24 8.30 8.28
N GLY A 263 7.38 8.56 9.26
CA GLY A 263 6.67 9.85 9.40
C GLY A 263 5.46 9.73 10.32
N GLY A 264 4.28 10.04 9.79
CA GLY A 264 3.05 9.96 10.60
C GLY A 264 2.85 8.59 11.23
N GLY A 265 2.49 8.57 12.51
CA GLY A 265 2.33 7.32 13.31
C GLY A 265 3.58 6.57 13.79
N THR A 266 4.76 7.13 13.53
CA THR A 266 6.07 6.44 13.62
C THR A 266 6.95 6.98 14.80
N ILE A 267 6.40 7.87 15.64
CA ILE A 267 7.20 8.78 16.51
C ILE A 267 6.73 8.82 17.98
N GLU A 268 7.65 9.13 18.90
CA GLU A 268 7.27 9.49 20.27
C GLU A 268 7.26 11.01 20.42
N ASP A 269 8.30 11.66 19.88
CA ASP A 269 8.36 13.13 19.81
C ASP A 269 9.06 13.55 18.52
N VAL A 270 8.80 14.78 18.09
CA VAL A 270 9.41 15.38 16.91
C VAL A 270 9.53 16.87 17.19
N SER A 271 10.57 17.47 16.63
CA SER A 271 10.75 18.91 16.62
C SER A 271 11.46 19.25 15.31
N LEU A 272 11.75 20.54 15.13
CA LEU A 272 12.48 21.02 13.96
C LEU A 272 13.95 20.54 13.95
N ASP A 273 14.49 20.26 15.15
CA ASP A 273 15.85 19.69 15.32
C ASP A 273 15.97 18.26 14.83
N GLY A 274 14.99 17.42 15.19
CA GLY A 274 15.10 15.99 14.93
C GLY A 274 13.87 15.20 15.34
N TYR A 275 14.03 13.87 15.38
CA TYR A 275 12.94 12.95 15.68
C TYR A 275 13.36 11.79 16.61
N LYS A 276 12.46 11.40 17.50
CA LYS A 276 12.56 10.16 18.25
C LYS A 276 11.50 9.18 17.75
N LEU A 277 11.88 7.94 17.45
CA LEU A 277 10.95 6.92 16.93
C LEU A 277 10.17 6.16 18.01
N THR A 278 9.01 5.61 17.64
CA THR A 278 8.12 4.89 18.56
C THR A 278 8.49 3.40 18.66
N GLU A 279 7.74 2.65 19.47
CA GLU A 279 7.94 1.19 19.58
C GLU A 279 7.40 0.50 18.31
N PRO A 280 7.84 -0.73 18.06
CA PRO A 280 7.19 -1.56 17.03
C PRO A 280 5.80 -2.02 17.47
N PRO A 281 4.89 -2.38 16.55
CA PRO A 281 5.11 -2.44 15.10
C PRO A 281 4.96 -1.11 14.39
N GLU A 282 4.36 -0.14 15.08
CA GLU A 282 3.97 1.13 14.48
C GLU A 282 5.19 1.91 14.01
N ARG A 283 6.36 1.63 14.56
CA ARG A 283 7.58 2.31 14.13
C ARG A 283 7.88 2.11 12.65
N PHE A 284 7.53 0.93 12.13
CA PHE A 284 7.82 0.64 10.71
C PHE A 284 6.65 0.98 9.77
N GLU A 285 5.54 1.54 10.29
CA GLU A 285 4.30 1.82 9.52
C GLU A 285 4.03 3.31 9.30
N ALA A 286 4.45 3.81 8.15
CA ALA A 286 4.40 5.22 7.86
C ALA A 286 3.14 5.60 7.13
N GLY A 287 2.40 6.52 7.73
CA GLY A 287 1.23 7.11 7.16
C GLY A 287 0.05 6.32 7.59
N THR A 288 -1.11 6.77 7.17
CA THR A 288 -2.37 6.05 7.27
C THR A 288 -2.20 4.71 6.59
N PRO A 289 -2.28 3.64 7.38
CA PRO A 289 -2.24 2.35 6.73
C PRO A 289 -3.51 2.10 5.92
N ASN A 290 -3.45 1.04 5.13
CA ASN A 290 -4.59 0.52 4.41
C ASN A 290 -5.47 -0.25 5.41
N ILE A 291 -6.31 0.49 6.15
CA ILE A 291 -7.16 -0.04 7.19
C ILE A 291 -8.08 -1.05 6.53
N GLY A 292 -8.69 -0.66 5.41
CA GLY A 292 -9.63 -1.51 4.68
C GLY A 292 -9.03 -2.86 4.37
N GLY A 293 -7.85 -2.83 3.77
CA GLY A 293 -7.16 -4.03 3.34
C GLY A 293 -6.75 -4.96 4.46
N ALA A 294 -6.38 -4.36 5.58
CA ALA A 294 -6.02 -5.11 6.76
C ALA A 294 -7.24 -5.87 7.26
N ILE A 295 -8.35 -5.17 7.36
CA ILE A 295 -9.56 -5.81 7.83
C ILE A 295 -9.96 -6.92 6.85
N GLY A 296 -9.99 -6.60 5.57
CA GLY A 296 -10.19 -7.60 4.54
C GLY A 296 -9.24 -8.78 4.62
N LEU A 297 -7.96 -8.52 4.84
CA LEU A 297 -7.02 -9.63 4.90
C LEU A 297 -7.40 -10.52 6.09
N ALA A 298 -7.70 -9.92 7.25
CA ALA A 298 -8.11 -10.67 8.44
C ALA A 298 -9.34 -11.48 8.13
N ALA A 299 -10.28 -10.92 7.37
CA ALA A 299 -11.47 -11.67 6.99
C ALA A 299 -11.09 -12.89 6.17
N GLY A 300 -10.10 -12.72 5.31
CA GLY A 300 -9.62 -13.78 4.48
C GLY A 300 -9.05 -14.91 5.29
N ILE A 301 -8.16 -14.58 6.23
CA ILE A 301 -7.51 -15.65 6.99
C ILE A 301 -8.53 -16.36 7.93
N ARG A 302 -9.49 -15.61 8.46
CA ARG A 302 -10.64 -16.15 9.15
C ARG A 302 -11.42 -17.18 8.28
N TYR A 303 -11.63 -16.85 7.01
CA TYR A 303 -12.28 -17.71 6.06
C TYR A 303 -11.44 -18.96 5.74
N ILE A 304 -10.13 -18.78 5.70
CA ILE A 304 -9.20 -19.88 5.45
C ILE A 304 -9.08 -20.83 6.63
N GLU A 305 -8.96 -20.28 7.83
CA GLU A 305 -8.93 -21.08 9.06
C GLU A 305 -10.24 -21.85 9.26
N ARG A 306 -11.37 -21.31 8.80
CA ARG A 306 -12.65 -21.96 9.02
C ARG A 306 -12.69 -23.25 8.17
N ILE A 307 -12.06 -23.16 7.00
CA ILE A 307 -11.96 -24.27 6.09
C ILE A 307 -10.91 -25.24 6.61
N GLY A 308 -9.74 -24.74 7.04
CA GLY A 308 -8.57 -25.56 7.42
C GLY A 308 -7.46 -25.62 6.35
N LEU A 309 -6.23 -25.29 6.73
CA LEU A 309 -5.13 -25.36 5.78
C LEU A 309 -4.83 -26.79 5.31
N GLY A 310 -5.03 -27.77 6.19
CA GLY A 310 -4.88 -29.18 5.80
C GLY A 310 -5.84 -29.60 4.72
N ARG A 311 -7.07 -29.10 4.77
CA ARG A 311 -8.07 -29.39 3.76
C ARG A 311 -7.78 -28.65 2.47
N ILE A 312 -7.23 -27.46 2.58
CA ILE A 312 -6.80 -26.70 1.40
C ILE A 312 -5.64 -27.48 0.70
N GLU A 313 -4.64 -27.91 1.47
CA GLU A 313 -3.53 -28.70 0.95
C GLU A 313 -4.00 -29.96 0.23
N ARG A 314 -4.93 -30.67 0.84
CA ARG A 314 -5.43 -31.92 0.26
C ARG A 314 -6.15 -31.63 -1.03
N GLN A 315 -6.99 -30.61 -1.08
CA GLN A 315 -7.81 -30.38 -2.30
C GLN A 315 -6.91 -29.96 -3.47
N GLU A 316 -5.98 -29.04 -3.21
CA GLU A 316 -5.00 -28.63 -4.21
C GLU A 316 -4.20 -29.83 -4.68
N HIS A 317 -3.79 -30.69 -3.74
CA HIS A 317 -3.10 -31.93 -4.10
C HIS A 317 -3.91 -32.84 -5.06
N LYS A 318 -5.21 -33.01 -4.84
CA LYS A 318 -6.05 -33.82 -5.76
C LYS A 318 -6.06 -33.19 -7.16
N LEU A 319 -6.13 -31.86 -7.19
CA LEU A 319 -6.21 -31.12 -8.44
C LEU A 319 -4.94 -31.30 -9.20
N VAL A 320 -3.82 -31.15 -8.51
CA VAL A 320 -2.51 -31.39 -9.13
C VAL A 320 -2.34 -32.86 -9.58
N LYS A 321 -2.78 -33.82 -8.76
CA LYS A 321 -2.69 -35.26 -9.10
C LYS A 321 -3.44 -35.54 -10.41
N ARG A 322 -4.72 -35.22 -10.47
CA ARG A 322 -5.48 -35.43 -11.69
C ARG A 322 -4.98 -34.61 -12.87
N THR A 323 -4.49 -33.39 -12.64
CA THR A 323 -4.05 -32.53 -13.76
C THR A 323 -2.84 -33.17 -14.43
N THR A 324 -1.83 -33.53 -13.63
CA THR A 324 -0.57 -34.02 -14.16
C THR A 324 -0.72 -35.42 -14.73
N GLU A 325 -1.45 -36.28 -14.01
CA GLU A 325 -1.67 -37.60 -14.53
C GLU A 325 -2.53 -37.57 -15.84
N GLY A 326 -3.38 -36.56 -16.01
CA GLY A 326 -4.09 -36.35 -17.28
C GLY A 326 -3.24 -35.79 -18.42
N LEU A 327 -2.19 -35.06 -18.05
CA LEU A 327 -1.29 -34.49 -19.04
C LEU A 327 -0.31 -35.54 -19.55
N ASP A 328 0.13 -36.40 -18.62
CA ASP A 328 0.84 -37.64 -18.93
C ASP A 328 0.02 -38.42 -19.94
N GLU A 329 -1.22 -38.75 -19.58
CA GLU A 329 -2.19 -39.34 -20.54
C GLU A 329 -2.15 -38.65 -21.92
N LEU A 330 -2.28 -37.31 -22.01
CA LEU A 330 -2.14 -36.61 -23.30
C LEU A 330 -0.69 -36.43 -23.80
N GLU A 331 0.27 -36.99 -23.08
CA GLU A 331 1.68 -36.79 -23.35
C GLU A 331 2.10 -35.32 -23.63
N VAL A 332 1.52 -34.35 -22.88
CA VAL A 332 2.00 -32.95 -22.94
C VAL A 332 3.04 -32.81 -21.82
N PRO A 333 4.17 -32.16 -22.11
CA PRO A 333 5.19 -32.04 -21.07
C PRO A 333 4.74 -31.07 -19.98
N TRP A 334 5.01 -31.44 -18.73
CA TRP A 334 4.83 -30.51 -17.60
C TRP A 334 6.05 -30.49 -16.66
N TYR A 335 6.11 -29.48 -15.78
CA TYR A 335 7.32 -29.15 -15.05
C TYR A 335 7.17 -29.16 -13.52
N GLY A 336 8.31 -29.20 -12.86
CA GLY A 336 8.33 -29.11 -11.42
C GLY A 336 8.49 -30.50 -10.89
N PRO A 337 8.42 -30.65 -9.58
CA PRO A 337 8.73 -31.94 -9.01
C PRO A 337 7.76 -33.01 -9.42
N ARG A 338 8.29 -34.13 -9.91
CA ARG A 338 7.49 -35.32 -10.12
C ARG A 338 6.99 -35.88 -8.80
N ASN A 339 7.76 -35.69 -7.74
CA ASN A 339 7.28 -36.05 -6.42
C ASN A 339 6.16 -35.05 -6.00
N LEU A 340 4.93 -35.56 -5.86
CA LEU A 340 3.78 -34.69 -5.63
C LEU A 340 3.73 -34.15 -4.19
N LYS A 341 4.34 -34.87 -3.25
CA LYS A 341 4.58 -34.33 -1.90
C LYS A 341 5.27 -32.96 -1.90
N LYS A 342 6.07 -32.69 -2.95
CA LYS A 342 6.92 -31.51 -3.07
C LYS A 342 6.43 -30.58 -4.24
N HIS A 343 5.14 -30.70 -4.61
CA HIS A 343 4.53 -29.90 -5.68
C HIS A 343 3.29 -29.14 -5.17
N ALA A 344 3.39 -27.82 -5.13
CA ALA A 344 2.26 -26.95 -4.72
C ALA A 344 1.15 -26.95 -5.78
N GLY A 345 0.03 -26.28 -5.51
CA GLY A 345 -1.06 -26.20 -6.49
C GLY A 345 -0.82 -25.30 -7.71
N VAL A 346 0.24 -25.58 -8.43
CA VAL A 346 0.57 -24.90 -9.69
C VAL A 346 1.22 -25.97 -10.59
N VAL A 347 0.82 -26.00 -11.85
CA VAL A 347 1.43 -26.90 -12.82
C VAL A 347 1.73 -26.09 -14.07
N SER A 348 3.01 -25.91 -14.33
CA SER A 348 3.44 -25.30 -15.59
C SER A 348 3.56 -26.41 -16.62
N PHE A 349 3.09 -26.11 -17.82
CA PHE A 349 3.17 -27.03 -18.94
C PHE A 349 3.33 -26.28 -20.25
N ASN A 350 3.49 -27.03 -21.35
CA ASN A 350 3.57 -26.47 -22.73
C ASN A 350 2.97 -27.43 -23.74
N VAL A 351 2.40 -26.91 -24.81
CA VAL A 351 2.01 -27.73 -25.96
C VAL A 351 3.12 -27.61 -27.03
N PRO A 352 3.89 -28.69 -27.28
CA PRO A 352 4.94 -28.66 -28.32
C PRO A 352 4.46 -28.00 -29.62
N GLY A 353 5.19 -27.00 -30.09
CA GLY A 353 4.77 -26.28 -31.32
C GLY A 353 3.66 -25.25 -31.18
N LEU A 354 3.21 -25.01 -29.94
CA LEU A 354 2.35 -23.89 -29.63
C LEU A 354 3.04 -23.00 -28.64
N HIS A 355 3.11 -21.73 -29.00
CA HIS A 355 3.52 -20.65 -28.11
C HIS A 355 2.50 -20.54 -26.93
N PRO A 356 2.98 -20.37 -25.68
CA PRO A 356 2.05 -20.38 -24.51
C PRO A 356 0.89 -19.36 -24.55
N HIS A 357 1.13 -18.17 -25.11
CA HIS A 357 0.07 -17.16 -25.22
C HIS A 357 -1.10 -17.64 -26.10
N ASP A 358 -0.80 -18.41 -27.14
CA ASP A 358 -1.85 -18.95 -28.01
C ASP A 358 -2.65 -20.01 -27.29
N VAL A 359 -1.95 -20.83 -26.51
CA VAL A 359 -2.58 -21.86 -25.68
C VAL A 359 -3.54 -21.18 -24.69
N ALA A 360 -3.02 -20.17 -23.97
CA ALA A 360 -3.83 -19.33 -23.08
C ALA A 360 -4.95 -18.64 -23.80
N ALA A 361 -4.69 -18.10 -24.98
CA ALA A 361 -5.80 -17.51 -25.77
C ALA A 361 -6.88 -18.55 -26.02
N ILE A 362 -6.48 -19.79 -26.37
CA ILE A 362 -7.46 -20.85 -26.68
C ILE A 362 -8.24 -21.32 -25.47
N LEU A 363 -7.57 -21.58 -24.36
CA LEU A 363 -8.25 -21.85 -23.07
C LEU A 363 -9.25 -20.76 -22.68
N ASP A 364 -8.82 -19.49 -22.76
CA ASP A 364 -9.73 -18.35 -22.47
C ASP A 364 -11.05 -18.44 -23.26
N ASP A 365 -10.94 -18.63 -24.58
CA ASP A 365 -12.11 -18.89 -25.45
C ASP A 365 -13.06 -19.95 -24.89
N HIS A 366 -12.56 -20.91 -24.13
CA HIS A 366 -13.41 -21.90 -23.44
C HIS A 366 -13.73 -21.56 -21.97
N SER A 367 -13.81 -20.27 -21.65
CA SER A 367 -13.96 -19.79 -20.26
C SER A 367 -12.95 -20.35 -19.21
N ILE A 368 -11.70 -20.60 -19.63
CA ILE A 368 -10.65 -21.15 -18.76
C ILE A 368 -9.50 -20.14 -18.65
N MET A 369 -9.28 -19.62 -17.42
CA MET A 369 -8.34 -18.51 -17.18
C MET A 369 -7.04 -19.08 -16.70
N VAL A 370 -5.94 -18.66 -17.31
CA VAL A 370 -4.67 -19.37 -17.12
C VAL A 370 -3.61 -18.39 -17.51
N ARG A 371 -2.44 -18.49 -16.91
CA ARG A 371 -1.39 -17.51 -17.22
C ARG A 371 -0.45 -18.07 -18.26
N SER A 372 0.21 -17.18 -18.99
CA SER A 372 1.24 -17.61 -19.90
C SER A 372 2.35 -16.61 -19.87
N GLY A 373 3.55 -17.08 -20.17
CA GLY A 373 4.73 -16.24 -20.29
C GLY A 373 5.80 -16.62 -19.31
N HIS A 374 6.69 -15.66 -19.06
CA HIS A 374 7.82 -15.84 -18.17
C HIS A 374 7.46 -15.87 -16.65
N HIS A 375 6.36 -15.21 -16.25
CA HIS A 375 5.82 -15.22 -14.85
C HIS A 375 6.63 -14.51 -13.75
N CYS A 376 7.25 -13.38 -14.06
CA CYS A 376 8.19 -12.74 -13.10
C CYS A 376 9.22 -13.74 -12.46
N ALA A 377 9.41 -14.86 -13.15
CA ALA A 377 10.45 -15.84 -12.89
C ALA A 377 11.20 -15.67 -14.18
N LEU A 378 12.35 -16.31 -14.33
CA LEU A 378 13.10 -16.14 -15.61
C LEU A 378 14.40 -16.88 -15.72
N PRO A 379 15.24 -16.83 -14.65
CA PRO A 379 16.36 -17.75 -14.69
C PRO A 379 15.89 -19.20 -14.72
N VAL A 380 14.64 -19.40 -14.28
CA VAL A 380 13.84 -20.63 -14.54
C VAL A 380 13.62 -20.82 -16.04
N MET A 381 13.12 -19.80 -16.73
CA MET A 381 12.92 -19.88 -18.19
C MET A 381 14.23 -20.07 -19.01
N LYS A 382 15.38 -19.69 -18.41
CA LYS A 382 16.73 -20.04 -18.94
C LYS A 382 17.32 -21.40 -18.42
N LYS A 383 16.89 -21.86 -17.25
CA LYS A 383 17.63 -22.83 -16.42
C LYS A 383 18.09 -24.18 -17.03
N LEU A 384 17.28 -25.07 -17.64
CA LEU A 384 15.85 -25.02 -18.03
C LEU A 384 15.53 -24.05 -19.17
N GLY A 385 16.38 -24.03 -20.18
CA GLY A 385 16.21 -23.19 -21.38
C GLY A 385 14.99 -23.54 -22.24
N ILE A 386 14.03 -22.62 -22.27
CA ILE A 386 12.75 -22.76 -23.02
C ILE A 386 12.05 -21.41 -23.20
N ASN A 387 11.17 -21.36 -24.20
CA ASN A 387 10.47 -20.11 -24.59
C ASN A 387 9.76 -19.43 -23.42
N GLY A 388 9.15 -20.23 -22.55
CA GLY A 388 8.26 -19.75 -21.50
C GLY A 388 7.39 -20.94 -21.10
N THR A 389 6.29 -20.67 -20.40
CA THR A 389 5.41 -21.76 -19.96
C THR A 389 3.96 -21.32 -19.77
N VAL A 390 3.01 -22.24 -19.92
CA VAL A 390 1.62 -21.95 -19.56
C VAL A 390 1.41 -22.54 -18.16
N ARG A 391 0.74 -21.77 -17.29
CA ARG A 391 0.60 -22.12 -15.86
C ARG A 391 -0.86 -22.20 -15.48
N ALA A 392 -1.29 -23.38 -15.01
CA ALA A 392 -2.58 -23.52 -14.37
C ALA A 392 -2.34 -23.63 -12.89
N SER A 393 -2.97 -22.76 -12.10
CA SER A 393 -2.86 -22.82 -10.64
C SER A 393 -4.20 -22.74 -9.92
N PHE A 394 -4.21 -23.25 -8.71
CA PHE A 394 -5.42 -23.73 -8.06
C PHE A 394 -5.67 -23.15 -6.69
N HIS A 395 -6.90 -23.27 -6.21
CA HIS A 395 -7.16 -23.08 -4.80
C HIS A 395 -8.27 -24.01 -4.43
N VAL A 396 -8.65 -23.99 -3.15
CA VAL A 396 -9.60 -24.90 -2.55
C VAL A 396 -10.96 -24.84 -3.21
N TYR A 397 -11.31 -23.68 -3.74
CA TYR A 397 -12.60 -23.52 -4.44
C TYR A 397 -12.60 -24.19 -5.83
N ASN A 398 -11.43 -24.37 -6.46
CA ASN A 398 -11.37 -25.12 -7.71
C ASN A 398 -11.78 -26.56 -7.48
N SER A 399 -12.39 -27.19 -8.51
CA SER A 399 -12.89 -28.60 -8.44
C SER A 399 -12.32 -29.57 -9.50
N LEU A 400 -12.36 -30.86 -9.18
CA LEU A 400 -11.97 -31.95 -10.11
C LEU A 400 -12.67 -31.90 -11.47
N GLU A 401 -13.95 -31.55 -11.44
CA GLU A 401 -14.77 -31.46 -12.64
C GLU A 401 -14.30 -30.30 -13.53
N GLU A 402 -13.81 -29.21 -12.93
CA GLU A 402 -13.14 -28.16 -13.67
C GLU A 402 -11.82 -28.63 -14.30
N VAL A 403 -11.01 -29.39 -13.55
CA VAL A 403 -9.81 -29.99 -14.16
C VAL A 403 -10.23 -30.89 -15.34
N GLU A 404 -11.20 -31.75 -15.09
CA GLU A 404 -11.71 -32.67 -16.11
C GLU A 404 -12.08 -31.95 -17.41
N THR A 405 -12.81 -30.84 -17.32
CA THR A 405 -13.19 -30.14 -18.55
C THR A 405 -11.97 -29.41 -19.17
N PHE A 406 -11.02 -29.00 -18.34
CA PHE A 406 -9.78 -28.39 -18.83
C PHE A 406 -8.98 -29.42 -19.66
N LEU A 407 -8.93 -30.66 -19.17
CA LEU A 407 -8.29 -31.75 -19.91
C LEU A 407 -9.02 -31.98 -21.25
N GLY A 408 -10.35 -31.96 -21.22
CA GLY A 408 -11.16 -32.06 -22.42
C GLY A 408 -10.78 -31.07 -23.52
N VAL A 409 -10.58 -29.81 -23.18
CA VAL A 409 -10.22 -28.84 -24.23
C VAL A 409 -8.72 -29.04 -24.59
N MET A 410 -7.91 -29.51 -23.65
CA MET A 410 -6.52 -29.86 -23.95
C MET A 410 -6.45 -31.01 -24.97
N GLU A 411 -7.21 -32.08 -24.71
CA GLU A 411 -7.46 -33.17 -25.69
C GLU A 411 -7.74 -32.63 -27.08
N GLU A 412 -8.79 -31.82 -27.21
CA GLU A 412 -9.24 -31.31 -28.51
C GLU A 412 -8.11 -30.52 -29.16
N LEU A 413 -7.38 -29.77 -28.34
CA LEU A 413 -6.35 -28.86 -28.81
C LEU A 413 -5.13 -29.64 -29.34
N VAL A 414 -4.73 -30.67 -28.59
CA VAL A 414 -3.65 -31.59 -28.99
C VAL A 414 -3.84 -32.27 -30.38
N LYS A 415 -5.09 -32.47 -30.80
CA LYS A 415 -5.43 -32.90 -32.16
C LYS A 415 -5.39 -31.69 -33.11
N MET B 18 -19.62 18.50 -13.81
CA MET B 18 -20.62 19.16 -12.91
C MET B 18 -22.05 19.01 -13.45
N ALA B 19 -22.80 18.07 -12.89
CA ALA B 19 -24.23 17.89 -13.22
C ALA B 19 -25.11 18.50 -12.12
N SER B 20 -25.55 19.74 -12.34
CA SER B 20 -26.27 20.53 -11.32
C SER B 20 -27.27 19.73 -10.47
N MET B 21 -26.86 19.47 -9.22
CA MET B 21 -27.64 18.72 -8.22
C MET B 21 -27.28 19.17 -6.76
N ARG B 22 -28.11 18.82 -5.77
CA ARG B 22 -28.16 19.58 -4.47
C ARG B 22 -27.08 19.29 -3.36
N ILE B 23 -26.33 20.34 -2.99
CA ILE B 23 -25.35 20.31 -1.91
C ILE B 23 -25.95 20.85 -0.61
N PRO B 24 -25.75 20.21 0.55
CA PRO B 24 -25.08 18.93 0.75
C PRO B 24 -25.96 17.66 0.61
N GLU B 25 -27.26 17.79 0.42
CA GLU B 25 -28.18 16.66 0.57
C GLU B 25 -27.91 15.50 -0.39
N ASP B 26 -27.67 15.79 -1.66
CA ASP B 26 -27.45 14.72 -2.65
C ASP B 26 -26.22 13.90 -2.39
N VAL B 27 -25.22 14.49 -1.76
CA VAL B 27 -24.03 13.75 -1.38
C VAL B 27 -24.32 12.96 -0.11
N ARG B 28 -25.13 13.54 0.76
CA ARG B 28 -25.49 12.89 2.01
C ARG B 28 -26.26 11.63 1.74
N LYS B 29 -27.13 11.68 0.72
CA LYS B 29 -27.91 10.51 0.23
C LYS B 29 -27.06 9.22 0.02
N ASP B 30 -25.80 9.39 -0.34
CA ASP B 30 -24.86 8.33 -0.64
C ASP B 30 -23.93 7.86 0.50
N ILE B 31 -24.07 8.43 1.69
CA ILE B 31 -23.14 8.13 2.80
C ILE B 31 -23.95 7.85 4.04
N PRO B 32 -24.30 6.57 4.27
CA PRO B 32 -25.08 6.22 5.47
C PRO B 32 -24.63 6.76 6.83
N LEU B 33 -23.33 6.98 7.06
CA LEU B 33 -22.83 7.48 8.36
C LEU B 33 -23.33 8.88 8.67
N THR B 34 -23.58 9.63 7.62
CA THR B 34 -24.22 10.93 7.69
C THR B 34 -25.56 10.99 8.47
N ASN B 35 -26.29 9.89 8.56
CA ASN B 35 -27.54 9.78 9.33
C ASN B 35 -27.33 9.36 10.77
N GLU B 36 -26.09 9.03 11.11
CA GLU B 36 -25.71 8.37 12.36
C GLU B 36 -24.87 9.28 13.26
N VAL B 37 -24.00 10.07 12.63
CA VAL B 37 -23.11 11.00 13.30
C VAL B 37 -22.82 12.25 12.45
N ILE B 38 -22.35 13.28 13.12
CA ILE B 38 -21.81 14.48 12.53
C ILE B 38 -20.29 14.30 12.42
N TYR B 39 -19.83 14.06 11.19
CA TYR B 39 -18.45 13.68 10.98
C TYR B 39 -17.65 14.92 10.60
N PHE B 40 -16.96 15.49 11.60
CA PHE B 40 -16.05 16.59 11.40
C PHE B 40 -14.62 16.17 11.56
N ASP B 41 -14.26 15.03 11.00
CA ASP B 41 -12.89 14.55 11.11
C ASP B 41 -12.31 14.22 9.74
N ASN B 42 -12.57 15.12 8.78
CA ASN B 42 -12.29 14.86 7.37
C ASN B 42 -10.81 14.98 7.01
N THR B 43 -10.02 15.68 7.82
CA THR B 43 -8.59 15.72 7.54
C THR B 43 -7.92 14.38 7.96
N ALA B 44 -8.51 13.71 8.94
CA ALA B 44 -8.03 12.39 9.30
C ALA B 44 -8.30 11.52 8.08
N THR B 45 -9.57 11.47 7.68
CA THR B 45 -9.97 10.68 6.52
C THR B 45 -11.40 11.07 6.14
N SER B 46 -11.76 10.94 4.89
CA SER B 46 -13.14 11.28 4.51
C SER B 46 -14.04 10.09 4.73
N LEU B 47 -15.33 10.39 4.86
CA LEU B 47 -16.35 9.40 4.65
C LEU B 47 -16.37 8.94 3.18
N THR B 48 -16.95 7.77 2.91
CA THR B 48 -16.88 7.22 1.55
C THR B 48 -18.25 6.90 0.96
N PRO B 49 -18.57 7.50 -0.21
CA PRO B 49 -19.84 7.30 -0.87
C PRO B 49 -20.01 5.89 -1.45
N LYS B 50 -21.26 5.44 -1.47
CA LYS B 50 -21.58 4.07 -1.84
C LYS B 50 -21.05 3.72 -3.23
N PRO B 51 -21.07 4.69 -4.19
CA PRO B 51 -20.55 4.42 -5.53
C PRO B 51 -19.08 4.09 -5.62
N VAL B 52 -18.29 4.73 -4.77
CA VAL B 52 -16.89 4.34 -4.57
C VAL B 52 -16.80 2.89 -4.08
N VAL B 53 -17.60 2.51 -3.08
CA VAL B 53 -17.57 1.10 -2.61
C VAL B 53 -18.21 0.10 -3.63
N GLU B 54 -19.26 0.51 -4.32
CA GLU B 54 -19.78 -0.30 -5.44
C GLU B 54 -18.71 -0.55 -6.56
N ALA B 55 -17.94 0.50 -6.91
CA ALA B 55 -16.92 0.36 -7.97
C ALA B 55 -15.83 -0.64 -7.60
N MET B 56 -15.52 -0.72 -6.30
CA MET B 56 -14.52 -1.66 -5.81
C MET B 56 -15.10 -3.05 -5.78
N ASP B 57 -16.34 -3.17 -5.31
CA ASP B 57 -17.00 -4.47 -5.25
C ASP B 57 -17.20 -5.08 -6.64
N GLU B 58 -17.37 -4.30 -7.71
CA GLU B 58 -17.46 -4.93 -9.03
C GLU B 58 -16.09 -5.48 -9.51
N TYR B 59 -15.00 -4.78 -9.21
CA TYR B 59 -13.68 -5.38 -9.36
C TYR B 59 -13.63 -6.73 -8.61
N TYR B 60 -13.80 -6.72 -7.29
CA TYR B 60 -13.50 -7.92 -6.50
C TYR B 60 -14.42 -9.14 -6.83
N LEU B 61 -15.66 -8.90 -7.25
CA LEU B 61 -16.63 -9.97 -7.47
C LEU B 61 -17.00 -10.30 -8.92
N LYS B 62 -16.80 -9.35 -9.85
CA LYS B 62 -17.09 -9.55 -11.27
C LYS B 62 -15.91 -9.50 -12.24
N TYR B 63 -14.74 -8.91 -11.92
CA TYR B 63 -13.58 -8.98 -12.83
C TYR B 63 -12.27 -9.09 -12.09
N ARG B 64 -12.28 -9.89 -11.03
CA ARG B 64 -11.15 -10.08 -10.12
C ARG B 64 -10.02 -10.76 -10.88
N ALA B 65 -8.87 -10.10 -10.95
CA ALA B 65 -7.67 -10.64 -11.57
C ALA B 65 -6.49 -9.71 -11.44
N ASN B 66 -5.31 -10.27 -11.60
CA ASN B 66 -4.14 -9.46 -11.63
C ASN B 66 -4.03 -8.77 -13.00
N VAL B 67 -3.21 -7.72 -13.04
CA VAL B 67 -3.01 -6.89 -14.22
C VAL B 67 -1.75 -7.41 -14.94
N HIS B 68 -0.93 -6.55 -15.54
CA HIS B 68 0.27 -6.97 -16.31
C HIS B 68 -0.14 -7.72 -17.58
N ARG B 69 -1.18 -7.21 -18.22
CA ARG B 69 -1.62 -7.60 -19.58
C ARG B 69 -1.72 -9.11 -19.82
N GLY B 70 -2.23 -9.84 -18.82
CA GLY B 70 -2.40 -11.28 -18.92
C GLY B 70 -3.39 -11.55 -20.03
N VAL B 71 -3.29 -12.70 -20.67
CA VAL B 71 -4.09 -13.00 -21.86
C VAL B 71 -5.60 -13.14 -21.61
N HIS B 72 -5.95 -13.77 -20.49
CA HIS B 72 -7.35 -14.16 -20.25
C HIS B 72 -8.27 -12.96 -19.95
N ARG B 73 -9.57 -13.14 -20.14
CA ARG B 73 -10.46 -11.99 -20.29
C ARG B 73 -10.64 -11.18 -19.02
N LEU B 74 -10.63 -11.83 -17.85
CA LEU B 74 -10.65 -11.09 -16.56
C LEU B 74 -9.47 -10.10 -16.37
N SER B 75 -8.26 -10.59 -16.63
CA SER B 75 -7.04 -9.78 -16.60
C SER B 75 -7.07 -8.63 -17.65
N GLN B 76 -7.69 -8.85 -18.79
CA GLN B 76 -7.90 -7.77 -19.76
C GLN B 76 -8.69 -6.67 -19.13
N MET B 77 -9.78 -7.05 -18.47
CA MET B 77 -10.67 -6.09 -17.81
C MET B 77 -9.95 -5.37 -16.67
N ALA B 78 -9.49 -6.14 -15.70
CA ALA B 78 -8.67 -5.62 -14.62
C ALA B 78 -7.62 -4.62 -15.12
N THR B 79 -6.86 -5.04 -16.12
CA THR B 79 -5.78 -4.22 -16.69
C THR B 79 -6.31 -2.93 -17.32
N HIS B 80 -7.41 -3.06 -18.07
CA HIS B 80 -8.07 -1.91 -18.68
C HIS B 80 -8.49 -0.95 -17.57
N LYS B 81 -9.26 -1.47 -16.63
CA LYS B 81 -9.77 -0.69 -15.51
C LYS B 81 -8.66 0.02 -14.69
N TYR B 82 -7.55 -0.70 -14.49
CA TYR B 82 -6.41 -0.15 -13.77
C TYR B 82 -5.77 1.02 -14.51
N GLU B 83 -5.56 0.87 -15.81
CA GLU B 83 -5.01 1.95 -16.61
C GLU B 83 -6.02 3.09 -16.79
N GLU B 84 -7.30 2.79 -16.97
CA GLU B 84 -8.30 3.84 -16.89
C GLU B 84 -8.11 4.64 -15.60
N SER B 85 -7.98 3.94 -14.46
CA SER B 85 -7.88 4.61 -13.17
C SER B 85 -6.71 5.61 -13.21
N ARG B 86 -5.56 5.12 -13.61
CA ARG B 86 -4.36 5.94 -13.74
C ARG B 86 -4.53 7.19 -14.67
N LYS B 87 -5.17 7.03 -15.83
CA LYS B 87 -5.53 8.17 -16.69
C LYS B 87 -6.43 9.20 -15.98
N ILE B 88 -7.46 8.71 -15.27
CA ILE B 88 -8.35 9.56 -14.44
C ILE B 88 -7.53 10.32 -13.38
N VAL B 89 -6.66 9.64 -12.68
CA VAL B 89 -5.80 10.27 -11.67
C VAL B 89 -4.85 11.29 -12.32
N ALA B 90 -4.25 10.94 -13.46
CA ALA B 90 -3.46 11.89 -14.26
C ALA B 90 -4.25 13.14 -14.63
N ASP B 91 -5.46 12.98 -15.16
CA ASP B 91 -6.27 14.12 -15.63
C ASP B 91 -6.75 14.99 -14.50
N PHE B 92 -7.08 14.39 -13.36
CA PHE B 92 -7.47 15.11 -12.13
C PHE B 92 -6.42 16.12 -11.71
N ILE B 93 -5.17 15.77 -11.90
CA ILE B 93 -4.05 16.53 -11.41
C ILE B 93 -3.29 17.24 -12.58
N GLY B 94 -3.78 17.06 -13.81
CA GLY B 94 -3.20 17.73 -14.99
C GLY B 94 -1.84 17.22 -15.46
N ALA B 95 -1.57 15.96 -15.16
CA ALA B 95 -0.35 15.27 -15.49
C ALA B 95 -0.52 14.30 -16.68
N LYS B 96 0.59 13.73 -17.09
CA LYS B 96 0.64 12.70 -18.10
C LYS B 96 0.53 11.33 -17.42
N PHE B 97 -0.25 10.44 -18.03
CA PHE B 97 -0.38 9.02 -17.60
C PHE B 97 0.90 8.50 -16.93
N GLU B 98 1.98 8.48 -17.69
CA GLU B 98 3.23 7.86 -17.22
C GLU B 98 3.92 8.57 -16.04
N GLU B 99 3.51 9.80 -15.73
CA GLU B 99 4.02 10.54 -14.55
C GLU B 99 3.41 10.09 -13.18
N ILE B 100 2.34 9.31 -13.23
CA ILE B 100 1.63 8.87 -12.05
C ILE B 100 2.13 7.50 -11.49
N VAL B 101 2.46 7.50 -10.20
CA VAL B 101 2.84 6.28 -9.48
C VAL B 101 1.90 6.04 -8.29
N PHE B 102 1.28 4.86 -8.24
CA PHE B 102 0.52 4.44 -7.06
C PHE B 102 1.41 3.93 -5.93
N THR B 103 1.07 4.37 -4.72
CA THR B 103 1.72 4.02 -3.47
C THR B 103 0.63 3.74 -2.43
N LYS B 104 0.99 3.42 -1.18
CA LYS B 104 -0.02 3.11 -0.17
C LYS B 104 -0.64 4.37 0.41
N ASN B 105 0.21 5.39 0.56
CA ASN B 105 -0.23 6.68 1.00
C ASN B 105 0.79 7.79 0.64
N THR B 106 0.39 9.02 0.98
CA THR B 106 1.24 10.18 0.89
C THR B 106 2.61 9.89 1.51
N SER B 107 2.63 9.54 2.79
CA SER B 107 3.85 9.20 3.49
C SER B 107 4.79 8.31 2.65
N GLU B 108 4.27 7.25 2.04
CA GLU B 108 5.11 6.44 1.16
C GLU B 108 5.65 7.32 0.05
N SER B 109 4.75 8.06 -0.61
CA SER B 109 5.14 8.88 -1.74
C SER B 109 6.29 9.79 -1.37
N LEU B 110 6.17 10.43 -0.22
CA LEU B 110 7.21 11.38 0.24
C LEU B 110 8.54 10.70 0.54
N ASN B 111 8.49 9.56 1.22
CA ASN B 111 9.70 8.77 1.51
C ASN B 111 10.39 8.31 0.23
N LEU B 112 9.60 7.93 -0.76
CA LEU B 112 10.10 7.60 -2.08
C LEU B 112 10.85 8.74 -2.76
N VAL B 113 10.44 9.99 -2.52
CA VAL B 113 11.16 11.15 -3.10
C VAL B 113 12.53 11.30 -2.42
N ALA B 114 12.57 11.16 -1.10
CA ALA B 114 13.82 11.17 -0.34
C ALA B 114 14.76 10.03 -0.71
N LEU B 115 14.25 8.82 -0.67
CA LEU B 115 15.02 7.64 -1.04
C LEU B 115 15.35 7.57 -2.53
N GLY B 116 14.48 8.11 -3.36
CA GLY B 116 14.72 8.12 -4.79
C GLY B 116 15.88 9.00 -5.16
N LEU B 117 15.95 10.19 -4.57
CA LEU B 117 16.87 11.26 -4.99
C LEU B 117 18.15 11.41 -4.15
N GLY B 118 18.26 10.65 -3.05
CA GLY B 118 19.40 10.74 -2.14
C GLY B 118 20.78 10.72 -2.78
N HIS B 119 20.94 9.98 -3.89
CA HIS B 119 22.20 9.90 -4.63
C HIS B 119 22.65 11.24 -5.28
N ILE B 120 21.71 12.13 -5.58
CA ILE B 120 22.02 13.48 -6.11
C ILE B 120 22.71 14.38 -5.10
N PHE B 121 22.44 14.16 -3.83
CA PHE B 121 22.83 15.11 -2.81
C PHE B 121 24.33 15.05 -2.51
N LYS B 122 25.02 16.17 -2.72
CA LYS B 122 26.41 16.34 -2.23
C LYS B 122 26.36 16.93 -0.81
N ARG B 123 27.24 16.46 0.09
CA ARG B 123 27.30 16.97 1.50
C ARG B 123 27.46 18.50 1.58
N GLY B 124 26.66 19.15 2.42
CA GLY B 124 26.60 20.61 2.45
C GLY B 124 25.61 21.23 1.47
N ASP B 125 24.99 20.42 0.60
CA ASP B 125 23.77 20.86 -0.09
C ASP B 125 22.67 21.14 0.96
N LYS B 126 21.71 21.94 0.52
CA LYS B 126 20.64 22.41 1.37
C LYS B 126 19.28 21.99 0.84
N ILE B 127 18.39 21.72 1.80
CA ILE B 127 16.97 21.49 1.55
C ILE B 127 16.19 22.47 2.40
N VAL B 128 15.10 23.00 1.87
CA VAL B 128 14.26 23.93 2.61
C VAL B 128 12.76 23.53 2.57
N THR B 129 12.12 23.63 3.74
CA THR B 129 10.69 23.36 3.89
C THR B 129 10.02 24.42 4.78
N THR B 130 8.74 24.23 5.10
CA THR B 130 8.00 25.12 6.00
C THR B 130 8.07 24.54 7.40
N PRO B 131 7.88 25.37 8.44
CA PRO B 131 7.94 24.80 9.80
C PRO B 131 6.73 23.93 10.13
N TYR B 132 5.66 24.08 9.36
CA TYR B 132 4.36 23.59 9.75
C TYR B 132 4.08 22.18 9.29
N GLU B 133 5.10 21.51 8.77
CA GLU B 133 4.87 20.28 8.03
C GLU B 133 4.30 19.18 8.91
N HIS B 134 3.43 18.37 8.31
CA HIS B 134 3.04 17.08 8.86
C HIS B 134 4.32 16.20 8.95
N HIS B 135 4.38 15.34 9.96
CA HIS B 135 5.60 14.55 10.22
C HIS B 135 6.20 13.84 8.99
N SER B 136 5.33 13.29 8.14
CA SER B 136 5.72 12.66 6.87
C SER B 136 6.30 13.58 5.79
N ASP B 137 6.18 14.91 5.94
CA ASP B 137 6.95 15.86 5.08
C ASP B 137 8.01 16.69 5.87
N LEU B 138 8.64 16.07 6.87
CA LEU B 138 9.88 16.61 7.45
C LEU B 138 10.87 15.54 7.81
N LEU B 139 10.47 14.59 8.64
CA LEU B 139 11.45 13.62 9.11
C LEU B 139 12.08 12.70 8.04
N PRO B 140 11.46 12.55 6.85
CA PRO B 140 12.26 11.98 5.77
C PRO B 140 13.39 12.91 5.34
N TRP B 141 13.12 14.21 5.34
CA TRP B 141 14.13 15.23 5.05
C TRP B 141 15.17 15.38 6.20
N GLN B 142 14.73 15.20 7.46
CA GLN B 142 15.64 15.08 8.61
C GLN B 142 16.59 13.86 8.51
N ARG B 143 16.06 12.64 8.38
CA ARG B 143 16.87 11.43 8.16
C ARG B 143 17.93 11.65 7.07
N LEU B 144 17.49 12.10 5.90
CA LEU B 144 18.35 12.36 4.75
C LEU B 144 19.46 13.39 5.02
N ALA B 145 19.11 14.45 5.75
CA ALA B 145 20.06 15.48 6.16
C ALA B 145 21.12 14.93 7.13
N THR B 146 20.67 14.39 8.27
CA THR B 146 21.52 13.65 9.22
C THR B 146 22.41 12.59 8.52
N LYS B 147 21.85 11.87 7.56
CA LYS B 147 22.60 10.82 6.86
C LYS B 147 23.69 11.38 5.92
N LEU B 148 23.42 12.48 5.24
CA LEU B 148 24.32 12.98 4.20
C LEU B 148 25.10 14.24 4.55
N GLY B 149 24.83 14.86 5.71
CA GLY B 149 25.48 16.12 6.11
C GLY B 149 24.97 17.33 5.33
N LEU B 150 23.65 17.43 5.21
CA LEU B 150 22.98 18.51 4.48
C LEU B 150 22.54 19.55 5.49
N LYS B 151 22.12 20.70 5.01
CA LYS B 151 21.58 21.75 5.86
C LYS B 151 20.07 21.74 5.68
N LEU B 152 19.33 21.47 6.76
CA LEU B 152 17.87 21.51 6.72
C LEU B 152 17.36 22.83 7.31
N GLU B 153 16.88 23.72 6.43
CA GLU B 153 16.44 25.08 6.81
C GLU B 153 14.90 25.29 6.66
N PHE B 154 14.31 25.99 7.61
CA PHE B 154 12.87 26.22 7.64
C PHE B 154 12.58 27.70 7.39
N ILE B 155 11.59 28.01 6.56
CA ILE B 155 11.26 29.41 6.29
C ILE B 155 10.35 29.95 7.38
N GLU B 156 10.58 31.21 7.73
CA GLU B 156 9.86 31.84 8.82
C GLU B 156 8.42 32.05 8.43
N GLY B 157 7.60 32.17 9.46
CA GLY B 157 6.18 32.48 9.31
C GLY B 157 5.59 32.68 10.69
N ASP B 158 4.40 33.25 10.73
CA ASP B 158 3.72 33.55 11.99
C ASP B 158 3.01 32.32 12.67
N ASP B 159 2.35 32.58 13.78
CA ASP B 159 1.56 31.57 14.51
C ASP B 159 0.23 31.28 13.79
N GLU B 160 -0.19 32.24 12.99
CA GLU B 160 -1.38 32.11 12.18
C GLU B 160 -1.17 31.13 10.97
N GLY B 161 0.07 30.77 10.66
CA GLY B 161 0.38 29.86 9.56
C GLY B 161 0.98 30.53 8.33
N ASN B 162 0.98 31.86 8.31
CA ASN B 162 1.36 32.61 7.12
C ASN B 162 2.87 32.66 6.92
N LEU B 163 3.31 32.18 5.78
CA LEU B 163 4.71 32.20 5.42
C LEU B 163 5.20 33.63 5.17
N ASP B 164 6.43 33.89 5.61
CA ASP B 164 7.19 35.07 5.22
C ASP B 164 7.75 34.81 3.80
N LEU B 165 7.05 35.32 2.78
CA LEU B 165 7.44 35.13 1.37
C LEU B 165 8.85 35.66 1.04
N SER B 166 9.22 36.78 1.63
CA SER B 166 10.57 37.32 1.43
C SER B 166 11.62 36.37 1.95
N ASP B 167 11.46 35.94 3.19
CA ASP B 167 12.33 34.92 3.80
C ASP B 167 12.37 33.64 2.98
N ALA B 168 11.24 33.27 2.36
CA ALA B 168 11.20 32.17 1.41
C ALA B 168 12.11 32.42 0.22
N GLU B 169 11.94 33.57 -0.44
CA GLU B 169 12.80 33.93 -1.58
C GLU B 169 14.29 33.89 -1.21
N LYS B 170 14.58 34.19 0.06
CA LYS B 170 15.95 34.18 0.59
C LYS B 170 16.47 32.80 0.89
N LYS B 171 15.70 32.08 1.70
CA LYS B 171 16.02 30.71 2.10
C LYS B 171 16.07 29.74 0.89
N ILE B 172 15.21 29.95 -0.12
CA ILE B 172 15.16 29.06 -1.31
C ILE B 172 16.36 29.27 -2.25
N LYS B 173 16.96 30.45 -2.18
CA LYS B 173 18.14 30.75 -2.97
C LYS B 173 19.26 29.81 -2.51
N GLY B 174 19.71 28.96 -3.42
CA GLY B 174 20.77 27.99 -3.13
C GLY B 174 20.35 26.54 -2.95
N ALA B 175 19.07 26.29 -2.69
CA ALA B 175 18.63 24.93 -2.36
C ALA B 175 18.62 23.98 -3.57
N LYS B 176 19.11 22.77 -3.35
CA LYS B 176 18.96 21.68 -4.33
C LYS B 176 17.50 21.21 -4.35
N LEU B 177 16.78 21.31 -3.21
CA LEU B 177 15.40 20.82 -3.09
C LEU B 177 14.54 21.64 -2.13
N VAL B 178 13.29 21.93 -2.52
CA VAL B 178 12.28 22.57 -1.65
C VAL B 178 11.03 21.65 -1.49
N ALA B 179 10.67 21.33 -0.25
CA ALA B 179 9.45 20.51 0.02
C ALA B 179 8.45 21.28 0.84
N VAL B 180 7.22 21.45 0.33
CA VAL B 180 6.17 22.19 1.08
C VAL B 180 4.76 21.57 1.05
N GLN B 181 4.08 21.61 2.17
CA GLN B 181 2.67 21.22 2.22
C GLN B 181 1.86 22.25 1.45
N HIS B 182 0.83 21.77 0.74
CA HIS B 182 -0.10 22.65 0.04
C HIS B 182 -1.08 23.23 1.02
N VAL B 183 -1.66 22.41 1.89
CA VAL B 183 -2.32 22.94 3.11
C VAL B 183 -1.93 22.19 4.34
N SER B 184 -1.84 22.91 5.48
CA SER B 184 -1.49 22.32 6.78
C SER B 184 -2.65 21.53 7.37
N ASN B 185 -2.42 20.27 7.69
CA ASN B 185 -3.43 19.45 8.39
C ASN B 185 -3.87 19.95 9.78
N ALA B 186 -3.06 20.76 10.46
CA ALA B 186 -3.42 21.29 11.78
C ALA B 186 -3.96 22.75 11.82
N LEU B 187 -3.43 23.64 10.97
CA LEU B 187 -3.88 25.03 10.94
C LEU B 187 -4.85 25.36 9.82
N GLY B 188 -4.80 24.62 8.72
CA GLY B 188 -5.69 24.87 7.59
C GLY B 188 -5.19 25.97 6.67
N VAL B 189 -3.97 26.47 6.92
CA VAL B 189 -3.28 27.39 6.00
C VAL B 189 -3.27 26.82 4.59
N ILE B 190 -3.86 27.53 3.65
CA ILE B 190 -3.55 27.33 2.24
C ILE B 190 -2.33 28.21 1.93
N HIS B 191 -1.15 27.61 1.89
CA HIS B 191 0.05 28.27 1.42
C HIS B 191 -0.03 28.68 -0.05
N GLU B 192 0.81 29.63 -0.43
CA GLU B 192 0.80 30.20 -1.79
C GLU B 192 1.88 29.48 -2.59
N VAL B 193 1.54 28.26 -3.01
CA VAL B 193 2.53 27.33 -3.56
C VAL B 193 2.88 27.66 -5.04
N GLU B 194 2.00 28.40 -5.75
CA GLU B 194 2.33 28.96 -7.08
C GLU B 194 3.51 29.91 -6.99
N GLU B 195 3.41 30.85 -6.04
CA GLU B 195 4.50 31.78 -5.74
C GLU B 195 5.77 31.01 -5.35
N LEU B 196 5.62 30.11 -4.38
CA LEU B 196 6.70 29.22 -3.90
C LEU B 196 7.36 28.38 -4.99
N GLY B 197 6.55 27.97 -5.97
CA GLY B 197 7.02 27.16 -7.09
C GLY B 197 7.83 27.99 -8.09
N LYS B 198 7.24 29.09 -8.54
CA LYS B 198 7.92 30.11 -9.37
C LYS B 198 9.31 30.35 -8.80
N ILE B 199 9.34 30.67 -7.52
CA ILE B 199 10.58 30.97 -6.82
C ILE B 199 11.59 29.81 -6.84
N ALA B 200 11.14 28.56 -6.66
CA ALA B 200 12.01 27.37 -6.77
C ALA B 200 12.47 27.08 -8.21
N LYS B 201 11.57 27.29 -9.17
CA LYS B 201 11.90 27.18 -10.59
C LYS B 201 12.97 28.25 -10.91
N ASP B 202 12.65 29.52 -10.63
CA ASP B 202 13.57 30.65 -10.77
C ASP B 202 14.96 30.27 -10.26
N GLU B 203 15.05 29.70 -9.05
CA GLU B 203 16.34 29.43 -8.36
C GLU B 203 16.95 28.04 -8.65
N GLY B 204 16.43 27.32 -9.65
CA GLY B 204 16.95 26.00 -10.06
C GLY B 204 16.41 24.76 -9.32
N ALA B 205 15.95 24.97 -8.09
CA ALA B 205 15.65 23.91 -7.15
C ALA B 205 14.51 22.97 -7.56
N ILE B 206 14.51 21.79 -6.96
CA ILE B 206 13.42 20.84 -7.25
C ILE B 206 12.31 21.08 -6.24
N PHE B 207 11.09 21.09 -6.76
CA PHE B 207 9.93 21.45 -5.98
C PHE B 207 9.05 20.22 -5.78
N VAL B 208 8.87 19.85 -4.51
CA VAL B 208 8.06 18.69 -4.11
C VAL B 208 6.95 19.24 -3.24
N VAL B 209 5.71 18.89 -3.58
CA VAL B 209 4.51 19.42 -2.95
C VAL B 209 3.71 18.30 -2.27
N ASP B 210 3.53 18.41 -0.95
CA ASP B 210 2.63 17.53 -0.19
C ASP B 210 1.22 18.08 -0.27
N ALA B 211 0.39 17.48 -1.13
CA ALA B 211 -1.00 17.90 -1.36
C ALA B 211 -2.05 17.01 -0.67
N ALA B 212 -1.66 16.23 0.33
CA ALA B 212 -2.62 15.42 1.10
C ALA B 212 -3.93 16.08 1.62
N GLN B 213 -3.87 17.31 2.08
CA GLN B 213 -5.07 17.97 2.62
C GLN B 213 -5.75 18.92 1.67
N SER B 214 -5.24 19.06 0.47
CA SER B 214 -5.88 19.83 -0.57
C SER B 214 -6.58 18.96 -1.59
N ALA B 215 -5.93 17.88 -1.97
CA ALA B 215 -6.50 17.00 -2.98
C ALA B 215 -7.93 16.62 -2.59
N GLY B 216 -8.86 16.82 -3.52
CA GLY B 216 -10.28 16.50 -3.32
C GLY B 216 -11.08 17.66 -2.79
N HIS B 217 -10.43 18.60 -2.09
CA HIS B 217 -11.07 19.80 -1.52
C HIS B 217 -10.93 21.06 -2.39
N MET B 218 -9.99 21.07 -3.31
CA MET B 218 -9.69 22.27 -4.09
C MET B 218 -8.71 21.92 -5.21
N GLU B 219 -8.57 22.81 -6.17
CA GLU B 219 -7.75 22.55 -7.34
C GLU B 219 -6.29 22.28 -6.97
N VAL B 220 -5.81 21.13 -7.40
CA VAL B 220 -4.40 20.81 -7.35
C VAL B 220 -4.09 20.40 -8.79
N ASN B 221 -3.20 21.16 -9.41
CA ASN B 221 -2.80 21.00 -10.79
C ASN B 221 -1.28 21.12 -10.82
N VAL B 222 -0.60 20.14 -11.40
CA VAL B 222 0.88 20.19 -11.42
C VAL B 222 1.46 21.36 -12.21
N LYS B 223 0.84 21.75 -13.33
CA LYS B 223 1.39 22.84 -14.16
C LYS B 223 1.41 24.19 -13.41
N LYS B 224 0.23 24.61 -12.94
CA LYS B 224 0.06 25.81 -12.11
C LYS B 224 0.99 25.83 -10.91
N LEU B 225 1.15 24.68 -10.26
CA LEU B 225 1.94 24.60 -9.02
C LEU B 225 3.44 24.46 -9.26
N HIS B 226 3.88 24.39 -10.52
CA HIS B 226 5.30 24.29 -10.90
C HIS B 226 5.99 23.06 -10.30
N ALA B 227 5.22 22.02 -10.01
CA ALA B 227 5.71 20.87 -9.24
C ALA B 227 6.55 19.89 -10.07
N ASP B 228 7.65 19.44 -9.47
CA ASP B 228 8.48 18.31 -9.94
C ASP B 228 8.10 16.98 -9.27
N PHE B 229 7.45 17.04 -8.11
CA PHE B 229 7.03 15.88 -7.36
C PHE B 229 5.75 16.25 -6.59
N LEU B 230 4.76 15.36 -6.57
CA LEU B 230 3.52 15.64 -5.84
C LEU B 230 2.88 14.38 -5.26
N ALA B 231 2.37 14.50 -4.04
CA ALA B 231 1.87 13.39 -3.28
C ALA B 231 0.50 13.72 -2.74
N PHE B 232 -0.42 12.77 -2.87
CA PHE B 232 -1.66 12.83 -2.13
C PHE B 232 -2.16 11.45 -1.76
N SER B 233 -3.17 11.42 -0.91
CA SER B 233 -3.75 10.17 -0.44
C SER B 233 -5.20 10.05 -0.89
N GLY B 234 -5.56 8.89 -1.42
CA GLY B 234 -6.95 8.64 -1.88
C GLY B 234 -8.04 8.64 -0.81
N HIS B 235 -7.68 8.35 0.45
CA HIS B 235 -8.66 8.22 1.55
C HIS B 235 -9.10 9.55 2.16
N1 LLP B 236 0.35 15.71 4.97
C2 LLP B 236 -0.83 16.32 5.26
C2' LLP B 236 -0.92 17.82 5.04
C3 LLP B 236 -1.99 15.53 5.77
O3 LLP B 236 -3.18 16.14 6.05
C4 LLP B 236 -1.82 14.06 5.94
C4' LLP B 236 -2.90 13.13 6.51
C5 LLP B 236 -0.46 13.52 5.60
C6 LLP B 236 0.55 14.38 5.12
C5' LLP B 236 -0.17 12.05 5.73
OP4 LLP B 236 -0.98 11.34 4.78
P LLP B 236 -1.21 9.73 4.83
OP1 LLP B 236 0.18 9.17 4.57
OP2 LLP B 236 -1.72 9.42 6.22
OP3 LLP B 236 -2.24 9.51 3.80
N LLP B 236 -8.47 10.63 1.74
CA LLP B 236 -8.86 11.98 2.19
CB LLP B 236 -7.60 12.75 2.49
CG LLP B 236 -6.94 12.23 3.74
CD LLP B 236 -5.74 13.13 4.08
CE LLP B 236 -4.82 12.45 5.08
NZ LLP B 236 -4.24 13.37 6.01
C LLP B 236 -9.86 12.62 1.25
O LLP B 236 -10.91 12.02 0.97
N GLY B 237 -9.58 13.83 0.77
CA GLY B 237 -10.56 14.61 0.02
C GLY B 237 -11.11 13.93 -1.25
N PRO B 238 -10.32 13.09 -1.94
CA PRO B 238 -10.91 12.41 -3.11
C PRO B 238 -11.97 11.35 -2.84
N MET B 239 -12.33 11.10 -1.57
CA MET B 239 -13.37 10.11 -1.23
C MET B 239 -13.07 8.71 -1.73
N GLY B 240 -11.77 8.38 -1.82
CA GLY B 240 -11.34 7.05 -2.24
C GLY B 240 -11.15 6.12 -1.05
N PRO B 241 -10.75 4.87 -1.30
CA PRO B 241 -10.45 3.95 -0.21
C PRO B 241 -9.11 4.24 0.43
N THR B 242 -8.80 3.47 1.47
CA THR B 242 -7.46 3.47 2.14
C THR B 242 -6.51 2.64 1.30
N GLY B 243 -5.24 2.75 1.60
CA GLY B 243 -4.21 2.01 0.88
C GLY B 243 -3.90 2.48 -0.53
N ILE B 244 -4.31 3.68 -0.89
CA ILE B 244 -3.97 4.19 -2.20
C ILE B 244 -3.51 5.66 -2.14
N GLY B 245 -2.21 5.84 -2.16
CA GLY B 245 -1.59 7.12 -2.48
C GLY B 245 -1.19 7.25 -3.95
N VAL B 246 -0.80 8.48 -4.30
CA VAL B 246 -0.25 8.81 -5.61
C VAL B 246 1.09 9.50 -5.39
N LEU B 247 2.06 9.21 -6.25
CA LEU B 247 3.27 10.05 -6.38
C LEU B 247 3.39 10.55 -7.82
N TYR B 248 3.29 11.87 -8.00
CA TYR B 248 3.58 12.52 -9.30
C TYR B 248 5.06 12.68 -9.43
N ILE B 249 5.60 12.23 -10.57
CA ILE B 249 7.02 12.45 -10.95
C ILE B 249 7.03 13.06 -12.35
N ARG B 250 7.47 14.32 -12.48
CA ARG B 250 7.46 14.99 -13.83
C ARG B 250 8.44 14.31 -14.81
N GLU B 251 8.02 14.16 -16.07
CA GLU B 251 8.81 13.55 -17.19
C GLU B 251 10.32 13.80 -17.11
N GLU B 252 10.65 15.08 -16.96
CA GLU B 252 12.01 15.57 -16.64
C GLU B 252 12.89 14.71 -15.74
N PHE B 253 12.32 14.04 -14.75
CA PHE B 253 13.09 13.30 -13.73
C PHE B 253 13.15 11.79 -13.94
N PHE B 254 12.50 11.27 -14.98
CA PHE B 254 12.61 9.82 -15.30
C PHE B 254 14.02 9.20 -15.40
N ASP B 255 15.05 10.01 -15.69
CA ASP B 255 16.46 9.53 -15.78
C ASP B 255 17.35 10.04 -14.65
N THR B 256 16.75 10.67 -13.65
CA THR B 256 17.43 10.97 -12.40
C THR B 256 16.90 10.12 -11.26
N PHE B 257 15.59 9.89 -11.24
CA PHE B 257 14.93 9.30 -10.08
C PHE B 257 15.15 7.80 -10.08
N GLU B 258 15.73 7.32 -8.99
CA GLU B 258 16.19 5.94 -8.81
C GLU B 258 15.06 5.14 -8.13
N PRO B 259 14.32 4.27 -8.87
CA PRO B 259 13.18 3.54 -8.28
C PRO B 259 13.49 2.86 -6.94
N PRO B 260 12.91 3.38 -5.84
CA PRO B 260 13.24 2.80 -4.53
C PRO B 260 12.79 1.36 -4.36
N LEU B 261 11.59 1.05 -4.84
CA LEU B 261 11.04 -0.29 -4.78
C LEU B 261 11.19 -0.94 -6.15
N ILE B 262 11.67 -2.16 -6.17
CA ILE B 262 12.08 -2.84 -7.41
C ILE B 262 11.76 -4.35 -7.28
N GLY B 263 11.33 -4.99 -8.36
CA GLY B 263 10.81 -6.36 -8.30
C GLY B 263 9.86 -6.71 -9.45
N GLY B 264 8.81 -7.50 -9.16
CA GLY B 264 7.80 -7.85 -10.15
C GLY B 264 7.20 -6.65 -10.89
N GLY B 265 6.85 -6.81 -12.17
CA GLY B 265 6.21 -5.73 -12.97
C GLY B 265 7.07 -4.54 -13.42
N THR B 266 8.38 -4.56 -13.11
CA THR B 266 9.26 -3.39 -13.17
C THR B 266 10.46 -3.55 -14.14
N ILE B 267 10.45 -4.63 -14.95
CA ILE B 267 11.57 -5.06 -15.83
C ILE B 267 11.12 -5.43 -17.24
N GLU B 268 12.07 -5.45 -18.18
CA GLU B 268 11.88 -6.11 -19.49
C GLU B 268 12.81 -7.32 -19.72
N ASP B 269 13.91 -7.42 -18.97
CA ASP B 269 14.68 -8.68 -18.88
C ASP B 269 15.42 -8.80 -17.53
N VAL B 270 15.59 -10.05 -17.10
CA VAL B 270 16.25 -10.43 -15.85
C VAL B 270 17.18 -11.62 -16.13
N SER B 271 18.17 -11.82 -15.26
CA SER B 271 18.96 -13.07 -15.21
C SER B 271 19.57 -13.19 -13.81
N LEU B 272 20.32 -14.28 -13.56
CA LEU B 272 21.06 -14.42 -12.30
C LEU B 272 22.24 -13.42 -12.19
N ASP B 273 22.72 -12.92 -13.34
CA ASP B 273 23.76 -11.87 -13.40
C ASP B 273 23.24 -10.53 -12.90
N GLY B 274 22.17 -10.02 -13.55
CA GLY B 274 21.60 -8.70 -13.22
C GLY B 274 20.25 -8.43 -13.89
N TYR B 275 19.94 -7.13 -14.07
CA TYR B 275 18.63 -6.68 -14.57
C TYR B 275 18.67 -5.41 -15.41
N LYS B 276 17.65 -5.27 -16.24
CA LYS B 276 17.41 -4.11 -17.09
C LYS B 276 15.96 -3.66 -16.85
N LEU B 277 15.75 -2.40 -16.45
CA LEU B 277 14.42 -1.92 -16.04
C LEU B 277 13.54 -1.55 -17.23
N THR B 278 12.25 -1.38 -16.98
CA THR B 278 11.25 -1.03 -18.00
C THR B 278 10.92 0.47 -17.99
N GLU B 279 9.89 0.87 -18.74
CA GLU B 279 9.48 2.29 -18.83
C GLU B 279 8.63 2.71 -17.61
N PRO B 280 8.63 4.01 -17.30
CA PRO B 280 7.58 4.58 -16.49
C PRO B 280 6.16 4.43 -17.08
N PRO B 281 5.12 4.35 -16.24
CA PRO B 281 5.20 4.35 -14.76
C PRO B 281 5.49 2.99 -14.09
N GLU B 282 5.48 1.91 -14.86
CA GLU B 282 5.67 0.57 -14.29
C GLU B 282 7.10 0.37 -13.70
N ARG B 283 8.05 1.17 -14.18
CA ARG B 283 9.39 1.29 -13.60
C ARG B 283 9.37 1.44 -12.08
N PHE B 284 8.44 2.23 -11.58
CA PHE B 284 8.39 2.56 -10.16
C PHE B 284 7.39 1.74 -9.34
N GLU B 285 6.64 0.86 -10.00
CA GLU B 285 5.61 0.08 -9.33
C GLU B 285 6.05 -1.37 -9.15
N ALA B 286 6.56 -1.66 -7.97
CA ALA B 286 7.04 -2.98 -7.61
C ALA B 286 5.91 -3.88 -7.11
N GLY B 287 5.62 -4.93 -7.87
CA GLY B 287 4.68 -5.97 -7.47
C GLY B 287 3.25 -5.65 -7.85
N THR B 288 2.35 -6.48 -7.35
CA THR B 288 0.95 -6.35 -7.68
C THR B 288 0.49 -5.05 -7.08
N PRO B 289 0.05 -4.12 -7.92
CA PRO B 289 -0.47 -2.91 -7.28
C PRO B 289 -1.80 -3.16 -6.58
N ASN B 290 -2.22 -2.16 -5.80
CA ASN B 290 -3.56 -2.10 -5.23
C ASN B 290 -4.52 -1.67 -6.33
N ILE B 291 -4.90 -2.66 -7.16
CA ILE B 291 -5.76 -2.44 -8.31
C ILE B 291 -7.14 -2.02 -7.79
N GLY B 292 -7.63 -2.78 -6.80
CA GLY B 292 -8.89 -2.45 -6.10
C GLY B 292 -8.95 -1.03 -5.60
N GLY B 293 -7.82 -0.55 -5.05
CA GLY B 293 -7.72 0.81 -4.45
C GLY B 293 -7.79 1.90 -5.47
N ALA B 294 -7.02 1.70 -6.55
CA ALA B 294 -6.93 2.62 -7.68
C ALA B 294 -8.24 2.76 -8.39
N ILE B 295 -8.95 1.65 -8.56
CA ILE B 295 -10.29 1.70 -9.12
C ILE B 295 -11.24 2.45 -8.19
N GLY B 296 -11.12 2.21 -6.88
CA GLY B 296 -11.86 2.98 -5.86
C GLY B 296 -11.53 4.46 -5.96
N LEU B 297 -10.23 4.75 -6.05
CA LEU B 297 -9.77 6.13 -6.18
C LEU B 297 -10.34 6.86 -7.40
N ALA B 298 -10.39 6.19 -8.54
CA ALA B 298 -10.92 6.79 -9.76
C ALA B 298 -12.38 7.06 -9.62
N ALA B 299 -13.09 6.15 -8.96
CA ALA B 299 -14.54 6.39 -8.70
C ALA B 299 -14.73 7.60 -7.78
N GLY B 300 -13.82 7.76 -6.81
CA GLY B 300 -13.85 8.93 -5.96
C GLY B 300 -13.69 10.21 -6.74
N ILE B 301 -12.73 10.23 -7.65
CA ILE B 301 -12.44 11.42 -8.45
C ILE B 301 -13.61 11.72 -9.41
N ARG B 302 -14.24 10.67 -9.93
CA ARG B 302 -15.43 10.83 -10.76
C ARG B 302 -16.51 11.48 -9.92
N TYR B 303 -16.66 10.97 -8.71
CA TYR B 303 -17.66 11.47 -7.77
C TYR B 303 -17.42 12.94 -7.48
N ILE B 304 -16.16 13.26 -7.18
CA ILE B 304 -15.72 14.61 -6.92
C ILE B 304 -15.96 15.52 -8.15
N GLU B 305 -15.50 15.15 -9.35
CA GLU B 305 -15.65 16.07 -10.52
C GLU B 305 -17.11 16.20 -11.05
N ARG B 306 -17.98 15.29 -10.65
CA ARG B 306 -19.42 15.42 -10.88
C ARG B 306 -20.01 16.46 -9.94
N ILE B 307 -19.53 16.50 -8.69
CA ILE B 307 -19.92 17.56 -7.75
C ILE B 307 -19.32 18.90 -8.21
N GLY B 308 -18.00 18.93 -8.39
CA GLY B 308 -17.26 20.11 -8.76
C GLY B 308 -16.35 20.62 -7.64
N LEU B 309 -15.05 20.74 -7.91
CA LEU B 309 -14.09 21.34 -6.97
C LEU B 309 -14.56 22.72 -6.50
N GLY B 310 -15.20 23.46 -7.41
CA GLY B 310 -15.77 24.79 -7.13
C GLY B 310 -16.81 24.73 -6.06
N ARG B 311 -17.74 23.78 -6.17
CA ARG B 311 -18.83 23.70 -5.22
C ARG B 311 -18.38 23.16 -3.83
N ILE B 312 -17.40 22.27 -3.86
CA ILE B 312 -16.78 21.74 -2.66
C ILE B 312 -16.08 22.86 -1.90
N GLU B 313 -15.25 23.63 -2.59
CA GLU B 313 -14.61 24.82 -2.02
C GLU B 313 -15.60 25.72 -1.26
N ARG B 314 -16.72 26.04 -1.91
CA ARG B 314 -17.68 26.99 -1.38
C ARG B 314 -18.36 26.47 -0.13
N GLN B 315 -18.87 25.24 -0.18
CA GLN B 315 -19.40 24.58 1.03
C GLN B 315 -18.44 24.67 2.21
N GLU B 316 -17.22 24.25 1.95
CA GLU B 316 -16.24 24.18 3.00
C GLU B 316 -16.11 25.59 3.56
N HIS B 317 -15.76 26.54 2.69
CA HIS B 317 -15.61 27.95 3.07
C HIS B 317 -16.79 28.45 3.87
N LYS B 318 -17.98 28.05 3.47
CA LYS B 318 -19.16 28.44 4.19
C LYS B 318 -19.23 27.85 5.61
N LEU B 319 -18.84 26.59 5.77
CA LEU B 319 -18.89 25.93 7.08
C LEU B 319 -17.84 26.52 8.03
N VAL B 320 -16.69 26.86 7.47
CA VAL B 320 -15.62 27.53 8.22
C VAL B 320 -16.02 28.92 8.73
N LYS B 321 -16.72 29.67 7.89
CA LYS B 321 -17.16 31.03 8.22
C LYS B 321 -18.09 31.01 9.41
N ARG B 322 -19.08 30.11 9.37
CA ARG B 322 -20.05 30.02 10.48
C ARG B 322 -19.46 29.39 11.72
N THR B 323 -18.53 28.45 11.53
CA THR B 323 -17.85 27.83 12.64
C THR B 323 -17.04 28.90 13.36
N THR B 324 -16.23 29.64 12.60
CA THR B 324 -15.39 30.68 13.20
C THR B 324 -16.13 31.83 13.84
N GLU B 325 -17.24 32.26 13.23
CA GLU B 325 -18.09 33.28 13.84
C GLU B 325 -18.66 32.76 15.15
N GLY B 326 -19.20 31.56 15.11
CA GLY B 326 -19.83 31.00 16.30
C GLY B 326 -18.86 30.85 17.45
N LEU B 327 -17.63 30.43 17.16
CA LEU B 327 -16.60 30.25 18.18
C LEU B 327 -16.13 31.59 18.72
N ASP B 328 -16.07 32.60 17.84
CA ASP B 328 -15.89 34.01 18.24
C ASP B 328 -16.96 34.46 19.24
N GLU B 329 -18.23 34.17 18.95
CA GLU B 329 -19.34 34.54 19.84
C GLU B 329 -19.15 33.97 21.24
N LEU B 330 -18.58 32.77 21.29
CA LEU B 330 -18.55 31.97 22.50
C LEU B 330 -17.26 32.14 23.32
N GLU B 331 -16.35 33.03 22.91
CA GLU B 331 -15.11 33.26 23.64
C GLU B 331 -14.16 32.08 23.49
N VAL B 332 -14.26 31.34 22.37
CA VAL B 332 -13.45 30.16 22.13
C VAL B 332 -12.41 30.51 21.08
N PRO B 333 -11.10 30.34 21.38
CA PRO B 333 -10.02 30.68 20.44
C PRO B 333 -9.70 29.60 19.42
N TRP B 334 -9.40 30.01 18.19
CA TRP B 334 -9.17 29.08 17.09
C TRP B 334 -7.95 29.51 16.32
N TYR B 335 -7.33 28.56 15.61
CA TYR B 335 -5.99 28.74 15.04
C TYR B 335 -6.03 28.86 13.52
N GLY B 336 -4.92 29.27 12.92
CA GLY B 336 -4.83 29.41 11.47
C GLY B 336 -5.25 30.79 11.02
N PRO B 337 -5.19 31.07 9.70
CA PRO B 337 -5.53 32.37 9.13
C PRO B 337 -6.91 33.01 9.43
N ARG B 338 -6.89 34.24 9.93
CA ARG B 338 -8.10 35.05 10.03
C ARG B 338 -8.62 35.39 8.62
N ASN B 339 -7.70 35.57 7.70
CA ASN B 339 -8.04 35.72 6.29
C ASN B 339 -8.54 34.40 5.69
N LEU B 340 -9.86 34.21 5.69
CA LEU B 340 -10.49 32.96 5.29
C LEU B 340 -10.25 32.51 3.85
N LYS B 341 -9.80 33.42 2.98
CA LYS B 341 -9.35 33.03 1.61
C LYS B 341 -8.12 32.12 1.66
N LYS B 342 -7.32 32.25 2.71
CA LYS B 342 -6.22 31.32 3.00
C LYS B 342 -6.56 30.22 4.06
N HIS B 343 -7.83 29.90 4.27
CA HIS B 343 -8.22 28.91 5.29
C HIS B 343 -9.02 27.80 4.64
N ALA B 344 -8.40 26.60 4.56
CA ALA B 344 -9.07 25.35 4.11
C ALA B 344 -10.17 24.91 5.06
N GLY B 345 -10.88 23.85 4.70
CA GLY B 345 -12.00 23.34 5.51
C GLY B 345 -11.62 22.62 6.80
N VAL B 346 -10.79 23.26 7.61
CA VAL B 346 -10.29 22.72 8.89
C VAL B 346 -10.12 23.88 9.84
N VAL B 347 -10.74 23.77 11.01
CA VAL B 347 -10.61 24.77 12.06
C VAL B 347 -10.23 24.06 13.34
N SER B 348 -8.99 24.32 13.78
CA SER B 348 -8.44 23.86 15.07
C SER B 348 -8.77 24.85 16.17
N PHE B 349 -8.97 24.36 17.38
CA PHE B 349 -9.38 25.24 18.46
C PHE B 349 -9.19 24.58 19.82
N ASN B 350 -9.42 25.35 20.87
CA ASN B 350 -9.28 24.89 22.22
C ASN B 350 -10.29 25.55 23.12
N VAL B 351 -10.79 24.78 24.10
CA VAL B 351 -11.52 25.34 25.19
C VAL B 351 -10.58 25.52 26.40
N PRO B 352 -10.22 26.77 26.75
CA PRO B 352 -9.51 27.06 28.01
C PRO B 352 -10.10 26.36 29.24
N GLY B 353 -9.26 25.63 29.96
CA GLY B 353 -9.69 24.82 31.10
C GLY B 353 -9.84 23.33 30.82
N LEU B 354 -10.05 22.98 29.55
CA LEU B 354 -10.16 21.58 29.10
C LEU B 354 -8.98 21.14 28.21
N HIS B 355 -8.56 19.89 28.35
CA HIS B 355 -7.64 19.28 27.40
C HIS B 355 -8.45 18.98 26.10
N PRO B 356 -7.80 19.09 24.93
CA PRO B 356 -8.48 18.71 23.67
C PRO B 356 -9.14 17.31 23.67
N HIS B 357 -8.45 16.28 24.14
CA HIS B 357 -9.07 14.94 24.27
C HIS B 357 -10.35 14.95 25.12
N ASP B 358 -10.48 15.89 26.04
CA ASP B 358 -11.71 15.96 26.85
C ASP B 358 -12.83 16.66 26.11
N VAL B 359 -12.50 17.71 25.39
CA VAL B 359 -13.43 18.38 24.47
C VAL B 359 -13.98 17.39 23.46
N ALA B 360 -13.08 16.65 22.80
CA ALA B 360 -13.49 15.62 21.83
C ALA B 360 -14.31 14.45 22.39
N ALA B 361 -14.08 14.07 23.64
CA ALA B 361 -14.95 13.07 24.25
C ALA B 361 -16.35 13.63 24.51
N ILE B 362 -16.39 14.88 24.94
CA ILE B 362 -17.67 15.54 25.17
C ILE B 362 -18.47 15.66 23.86
N LEU B 363 -17.83 16.08 22.79
CA LEU B 363 -18.47 16.13 21.45
C LEU B 363 -18.94 14.73 20.94
N ASP B 364 -18.08 13.73 21.09
CA ASP B 364 -18.42 12.33 20.83
C ASP B 364 -19.65 11.86 21.61
N ASP B 365 -19.81 12.28 22.86
CA ASP B 365 -21.05 11.95 23.60
C ASP B 365 -22.31 12.49 22.89
N HIS B 366 -22.17 13.61 22.18
CA HIS B 366 -23.23 14.18 21.36
C HIS B 366 -23.18 13.75 19.88
N SER B 367 -22.55 12.60 19.62
CA SER B 367 -22.40 12.05 18.29
C SER B 367 -21.72 12.99 17.28
N ILE B 368 -20.85 13.89 17.75
CA ILE B 368 -20.05 14.75 16.87
C ILE B 368 -18.58 14.30 16.89
N MET B 369 -18.04 13.92 15.73
CA MET B 369 -16.72 13.33 15.62
C MET B 369 -15.67 14.38 15.22
N VAL B 370 -14.62 14.51 16.01
CA VAL B 370 -13.68 15.58 15.92
C VAL B 370 -12.32 14.97 16.34
N ARG B 371 -11.19 15.42 15.80
CA ARG B 371 -9.91 14.92 16.32
C ARG B 371 -9.31 15.82 17.38
N SER B 372 -8.49 15.21 18.23
CA SER B 372 -7.74 15.93 19.25
C SER B 372 -6.30 15.42 19.31
N GLY B 373 -5.41 16.33 19.71
CA GLY B 373 -4.01 16.04 20.00
C GLY B 373 -3.07 16.87 19.15
N HIS B 374 -1.89 16.31 18.85
CA HIS B 374 -0.86 17.02 18.08
C HIS B 374 -1.00 16.92 16.53
N HIS B 375 -1.90 16.07 16.03
CA HIS B 375 -2.22 15.94 14.60
C HIS B 375 -1.04 15.60 13.69
N CYS B 376 -0.12 14.78 14.18
CA CYS B 376 1.12 14.47 13.47
C CYS B 376 1.90 15.74 13.02
N ALA B 377 1.85 16.80 13.83
CA ALA B 377 2.52 18.10 13.55
C ALA B 377 2.95 18.83 14.84
N LEU B 378 3.58 18.06 15.74
CA LEU B 378 4.17 18.57 16.97
C LEU B 378 4.98 19.88 16.85
N PRO B 379 5.80 20.04 15.78
CA PRO B 379 6.49 21.32 15.60
C PRO B 379 5.57 22.54 15.61
N VAL B 380 4.42 22.40 14.93
CA VAL B 380 3.39 23.45 14.88
C VAL B 380 2.96 23.76 16.30
N MET B 381 2.49 22.73 17.00
CA MET B 381 2.08 22.81 18.43
C MET B 381 3.09 23.54 19.33
N LYS B 382 4.38 23.26 19.07
CA LYS B 382 5.51 23.90 19.76
C LYS B 382 5.69 25.38 19.38
N LYS B 383 5.54 25.71 18.09
CA LYS B 383 5.64 27.10 17.63
C LYS B 383 4.53 27.98 18.22
N LEU B 384 3.39 27.38 18.56
CA LEU B 384 2.26 28.08 19.19
C LEU B 384 2.31 28.04 20.75
N GLY B 385 3.12 27.14 21.30
CA GLY B 385 3.27 26.98 22.73
C GLY B 385 2.06 26.34 23.38
N ILE B 386 1.56 25.26 22.79
CA ILE B 386 0.27 24.66 23.19
C ILE B 386 0.37 23.14 23.21
N ASN B 387 -0.42 22.51 24.08
CA ASN B 387 -0.26 21.07 24.33
C ASN B 387 -1.21 20.22 23.46
N GLY B 388 -1.34 20.62 22.19
CA GLY B 388 -2.31 20.04 21.28
C GLY B 388 -3.48 20.95 20.97
N THR B 389 -4.31 20.58 19.99
CA THR B 389 -5.56 21.29 19.68
C THR B 389 -6.70 20.32 19.43
N VAL B 390 -7.92 20.86 19.36
CA VAL B 390 -9.05 20.10 18.83
C VAL B 390 -9.44 20.59 17.44
N ARG B 391 -9.85 19.65 16.59
CA ARG B 391 -9.88 19.86 15.16
C ARG B 391 -11.17 19.37 14.51
N ALA B 392 -11.87 20.35 13.92
CA ALA B 392 -13.09 20.12 13.17
C ALA B 392 -12.74 20.40 11.72
N SER B 393 -13.07 19.47 10.87
CA SER B 393 -12.69 19.57 9.51
C SER B 393 -13.83 19.07 8.68
N PHE B 394 -13.98 19.65 7.49
CA PHE B 394 -15.18 19.47 6.71
C PHE B 394 -14.98 18.87 5.34
N HIS B 395 -16.10 18.45 4.78
CA HIS B 395 -16.21 18.19 3.37
C HIS B 395 -17.62 18.57 2.92
N VAL B 396 -17.93 18.27 1.67
CA VAL B 396 -18.98 18.92 0.96
C VAL B 396 -20.30 18.37 1.47
N TYR B 397 -20.25 17.14 1.95
CA TYR B 397 -21.40 16.55 2.62
C TYR B 397 -21.68 17.06 4.01
N ASN B 398 -20.88 17.97 4.56
CA ASN B 398 -21.21 18.52 5.87
C ASN B 398 -22.17 19.68 5.67
N SER B 399 -23.07 19.84 6.62
CA SER B 399 -24.19 20.81 6.55
C SER B 399 -24.15 21.91 7.64
N LEU B 400 -24.84 23.02 7.35
CA LEU B 400 -24.99 24.10 8.32
C LEU B 400 -25.71 23.64 9.60
N GLU B 401 -26.68 22.72 9.46
CA GLU B 401 -27.36 22.18 10.63
C GLU B 401 -26.33 21.51 11.54
N GLU B 402 -25.50 20.65 10.97
CA GLU B 402 -24.41 20.02 11.70
C GLU B 402 -23.56 21.06 12.43
N VAL B 403 -23.15 22.10 11.72
CA VAL B 403 -22.40 23.18 12.38
C VAL B 403 -23.19 23.77 13.53
N GLU B 404 -24.45 24.07 13.30
CA GLU B 404 -25.23 24.73 14.29
C GLU B 404 -25.33 23.84 15.50
N THR B 405 -25.52 22.54 15.31
CA THR B 405 -25.75 21.68 16.48
C THR B 405 -24.41 21.52 17.28
N PHE B 406 -23.30 21.54 16.54
CA PHE B 406 -21.95 21.70 17.12
C PHE B 406 -21.81 22.94 18.03
N LEU B 407 -22.06 24.12 17.47
CA LEU B 407 -22.02 25.37 18.25
C LEU B 407 -22.98 25.34 19.44
N GLY B 408 -24.10 24.64 19.29
CA GLY B 408 -25.03 24.38 20.37
C GLY B 408 -24.35 23.69 21.53
N VAL B 409 -23.74 22.53 21.29
CA VAL B 409 -23.12 21.77 22.41
C VAL B 409 -21.89 22.50 22.96
N MET B 410 -21.12 23.14 22.09
CA MET B 410 -20.04 23.99 22.52
C MET B 410 -20.52 25.08 23.48
N GLU B 411 -21.68 25.65 23.17
CA GLU B 411 -22.27 26.69 24.00
C GLU B 411 -22.65 26.11 25.35
N GLU B 412 -23.35 24.97 25.36
CA GLU B 412 -23.73 24.32 26.61
C GLU B 412 -22.47 23.98 27.40
N LEU B 413 -21.43 23.56 26.68
CA LEU B 413 -20.14 23.23 27.25
C LEU B 413 -19.53 24.41 27.94
N VAL B 414 -19.41 25.51 27.21
CA VAL B 414 -18.69 26.70 27.65
C VAL B 414 -19.30 27.34 28.89
N LYS B 415 -20.61 27.53 28.92
CA LYS B 415 -21.24 28.11 30.09
C LYS B 415 -21.58 27.11 31.19
N GLY B 416 -21.17 25.86 31.02
CA GLY B 416 -21.02 24.92 32.12
C GLY B 416 -19.71 25.06 32.88
N LEU B 417 -18.69 25.70 32.27
CA LEU B 417 -17.41 26.03 32.97
C LEU B 417 -17.54 27.10 34.08
C1 GOL C . 7.05 -16.68 18.15
O1 GOL C . 5.88 -15.85 18.40
C2 GOL C . 8.27 -15.87 17.68
O2 GOL C . 7.91 -15.06 16.55
C3 GOL C . 8.77 -15.00 18.84
O3 GOL C . 9.71 -14.03 18.37
C1 GOL D . -22.49 19.78 28.62
O1 GOL D . -22.24 19.41 27.26
C2 GOL D . -21.17 20.06 29.35
O2 GOL D . -20.53 18.81 29.70
C3 GOL D . -21.38 20.95 30.60
O3 GOL D . -20.30 21.87 30.83
#